data_7AVT
#
_entry.id   7AVT
#
_cell.length_a   84.187
_cell.length_b   39.196
_cell.length_c   175.938
_cell.angle_alpha   90
_cell.angle_beta   90.08
_cell.angle_gamma   90
#
_symmetry.space_group_name_H-M   'P 1 21 1'
#
loop_
_entity.id
_entity.type
_entity.pdbx_description
1 polymer 'Son of sevenless homolog 1'
2 non-polymer IMIDAZOLE
3 non-polymer ~{N}-[(1~{R})-1-(3-aminophenyl)ethyl]-6,7-dimethoxy-2-methyl-quinazolin-4-amine
4 water water
#
_entity_poly.entity_id   1
_entity_poly.type   'polypeptide(L)'
_entity_poly.pdbx_seq_one_letter_code
;GEEQMRLPSADVYRFAEPDSEENIIFEENMQPKAGIPIIKAGTVIKLIERLTYHMYADPNFVRTFLTTYRSFCKPQELLS
LIIERFEIPEPEPTEADRIAIENGDQPLSAELKRFRKEYIQPVQLRVLNVCRHWVEHHFYDFERDAYLLQRMEEFIGTVR
GKAMKKWVESITKIIQRKKIARDNGPGHNITFQSSPPTVEWHISRPGHIETFDLLTLHPIEIARQLTLLESDLYRAVQPS
ELVGSVWTKEDKEINSPNLLKMIRHTTNLTLWFEKCIVETENLEERVAVVSRIIEILQVFQELNNFNGVLEVVSAMNSSP
VYRLDHTFEQIPSRQKKILEEAHELSEDHYKKYLAKLRSINPPCVPFFGIYLTNILKTEEGNPEVLKRHGKELINFSKRR
KVAEITGEIQQYQNQPYCLRVESDIKRFFENLNPMGNSMEKEFTDYLFNKSLEIEPRNPKPLPRFPKKYSYPLKSPGVRP
SNPRPGT
;
_entity_poly.pdbx_strand_id   A,B
#
# COMPACT_ATOMS: atom_id res chain seq x y z
N GLY A 1 -32.04 -1.30 -14.56
CA GLY A 1 -32.72 -2.53 -14.98
C GLY A 1 -33.85 -2.94 -14.06
N GLU A 2 -34.61 -3.99 -14.45
CA GLU A 2 -35.74 -4.47 -13.64
C GLU A 2 -35.34 -5.03 -12.28
N GLU A 3 -34.08 -5.46 -12.12
CA GLU A 3 -33.56 -5.97 -10.85
C GLU A 3 -33.62 -4.86 -9.77
N GLN A 4 -33.19 -3.65 -10.11
CA GLN A 4 -33.24 -2.53 -9.16
C GLN A 4 -34.66 -1.97 -9.04
N MET A 5 -35.46 -2.02 -10.12
CA MET A 5 -36.84 -1.54 -10.06
C MET A 5 -37.69 -2.45 -9.16
N ARG A 6 -37.38 -3.77 -9.07
CA ARG A 6 -38.15 -4.66 -8.19
C ARG A 6 -37.81 -4.40 -6.71
N LEU A 7 -36.59 -3.91 -6.41
CA LEU A 7 -36.23 -3.57 -5.04
C LEU A 7 -36.86 -2.24 -4.60
N PRO A 8 -37.04 -2.00 -3.28
CA PRO A 8 -37.60 -0.70 -2.86
C PRO A 8 -36.65 0.46 -3.14
N SER A 9 -37.21 1.65 -3.28
CA SER A 9 -36.45 2.86 -3.52
C SER A 9 -35.62 3.24 -2.28
N ALA A 10 -34.52 3.97 -2.53
CA ALA A 10 -33.64 4.48 -1.48
C ALA A 10 -34.36 5.54 -0.59
N ASP A 11 -35.48 6.12 -1.06
CA ASP A 11 -36.23 7.11 -0.27
C ASP A 11 -37.09 6.45 0.84
N VAL A 12 -37.41 5.15 0.72
CA VAL A 12 -38.22 4.44 1.71
C VAL A 12 -37.50 3.24 2.34
N TYR A 13 -36.26 2.90 1.89
CA TYR A 13 -35.51 1.74 2.40
C TYR A 13 -34.04 1.89 2.05
N ARG A 14 -33.17 1.90 3.05
CA ARG A 14 -31.74 2.14 2.86
C ARG A 14 -30.88 0.94 2.44
N PHE A 15 -31.36 -0.29 2.62
CA PHE A 15 -30.52 -1.48 2.35
C PHE A 15 -30.64 -2.02 0.95
N ALA A 16 -31.23 -1.28 0.01
CA ALA A 16 -31.37 -1.76 -1.37
C ALA A 16 -30.55 -0.95 -2.37
N GLU A 17 -29.71 0.02 -1.92
CA GLU A 17 -28.89 0.79 -2.85
C GLU A 17 -27.89 -0.15 -3.52
N PRO A 18 -27.62 -0.05 -4.84
CA PRO A 18 -26.68 -1.02 -5.45
C PRO A 18 -25.26 -0.99 -4.90
N ASP A 19 -24.56 -2.11 -5.05
CA ASP A 19 -23.15 -2.20 -4.69
C ASP A 19 -22.35 -1.27 -5.61
N SER A 20 -21.28 -0.72 -5.09
CA SER A 20 -20.40 0.15 -5.85
C SER A 20 -19.00 0.17 -5.23
N GLU A 21 -18.05 0.75 -5.96
CA GLU A 21 -16.69 0.86 -5.46
C GLU A 21 -16.61 1.75 -4.20
N GLU A 22 -17.61 2.63 -3.95
CA GLU A 22 -17.57 3.54 -2.81
C GLU A 22 -18.48 3.14 -1.64
N ASN A 23 -19.04 1.91 -1.64
CA ASN A 23 -19.82 1.44 -0.48
C ASN A 23 -19.47 0.01 -0.04
N ILE A 24 -18.81 -0.79 -0.91
CA ILE A 24 -18.42 -2.16 -0.55
C ILE A 24 -17.20 -2.61 -1.39
N ILE A 25 -16.26 -3.34 -0.77
CA ILE A 25 -15.06 -3.91 -1.39
C ILE A 25 -14.96 -5.35 -0.95
N PHE A 26 -14.60 -6.25 -1.87
CA PHE A 26 -14.40 -7.66 -1.56
C PHE A 26 -12.90 -8.02 -1.60
N GLU A 27 -12.53 -9.08 -0.87
CA GLU A 27 -11.14 -9.57 -0.82
C GLU A 27 -10.81 -10.27 -2.13
N GLY A 35 -17.57 -19.66 -3.25
CA GLY A 35 -18.80 -19.21 -3.89
C GLY A 35 -19.32 -17.92 -3.27
N ILE A 36 -19.34 -17.87 -1.93
CA ILE A 36 -19.77 -16.68 -1.20
C ILE A 36 -18.59 -15.67 -1.20
N PRO A 37 -18.77 -14.42 -1.67
CA PRO A 37 -17.64 -13.47 -1.65
C PRO A 37 -17.29 -13.02 -0.23
N ILE A 38 -16.01 -12.78 0.01
CA ILE A 38 -15.50 -12.36 1.31
C ILE A 38 -15.40 -10.83 1.32
N ILE A 39 -16.07 -10.20 2.28
CA ILE A 39 -16.09 -8.74 2.39
C ILE A 39 -14.79 -8.23 2.99
N LYS A 40 -14.14 -7.30 2.27
CA LYS A 40 -12.92 -6.64 2.73
C LYS A 40 -13.30 -5.36 3.49
N ALA A 41 -14.22 -4.58 2.93
CA ALA A 41 -14.64 -3.32 3.52
C ALA A 41 -16.04 -2.93 3.08
N GLY A 42 -16.68 -2.06 3.85
CA GLY A 42 -17.96 -1.52 3.45
C GLY A 42 -18.53 -0.53 4.44
N THR A 43 -19.57 0.21 4.02
CA THR A 43 -20.30 1.08 4.94
C THR A 43 -21.06 0.15 5.90
N VAL A 44 -21.47 0.62 7.08
CA VAL A 44 -22.19 -0.23 8.03
C VAL A 44 -23.49 -0.74 7.41
N ILE A 45 -24.14 0.07 6.55
CA ILE A 45 -25.38 -0.34 5.87
C ILE A 45 -25.13 -1.54 4.95
N LYS A 46 -24.04 -1.50 4.18
CA LYS A 46 -23.71 -2.61 3.29
C LYS A 46 -23.26 -3.85 4.10
N LEU A 47 -22.62 -3.64 5.26
CA LEU A 47 -22.25 -4.77 6.12
C LEU A 47 -23.53 -5.43 6.67
N ILE A 48 -24.52 -4.62 7.10
CA ILE A 48 -25.78 -5.13 7.62
C ILE A 48 -26.53 -5.88 6.51
N GLU A 49 -26.55 -5.33 5.28
CA GLU A 49 -27.22 -5.94 4.13
C GLU A 49 -26.66 -7.35 3.87
N ARG A 50 -25.34 -7.46 3.80
CA ARG A 50 -24.68 -8.74 3.55
C ARG A 50 -24.74 -9.71 4.74
N LEU A 51 -24.90 -9.17 5.95
CA LEU A 51 -25.08 -9.97 7.17
C LEU A 51 -26.45 -10.69 7.12
N THR A 52 -27.43 -10.08 6.43
CA THR A 52 -28.78 -10.59 6.33
C THR A 52 -29.18 -10.63 4.83
N TYR A 53 -28.31 -11.22 3.99
CA TYR A 53 -28.49 -11.23 2.54
C TYR A 53 -29.59 -12.16 2.10
N HIS A 54 -30.37 -11.75 1.09
CA HIS A 54 -31.49 -12.54 0.58
C HIS A 54 -31.09 -13.74 -0.26
N MET A 55 -29.91 -13.71 -0.90
N MET A 55 -29.92 -13.71 -0.92
CA MET A 55 -29.47 -14.78 -1.79
CA MET A 55 -29.52 -14.82 -1.79
C MET A 55 -28.91 -16.00 -1.06
C MET A 55 -28.92 -16.02 -1.07
N TYR A 56 -28.33 -15.82 0.12
CA TYR A 56 -27.75 -16.92 0.87
C TYR A 56 -27.43 -16.57 2.32
N ALA A 57 -27.27 -17.62 3.15
CA ALA A 57 -26.82 -17.47 4.52
C ALA A 57 -25.30 -17.40 4.49
N ASP A 58 -24.72 -16.77 5.49
CA ASP A 58 -23.27 -16.62 5.59
C ASP A 58 -22.88 -16.72 7.06
N PRO A 59 -22.88 -17.95 7.61
CA PRO A 59 -22.54 -18.12 9.04
C PRO A 59 -21.15 -17.63 9.45
N ASN A 60 -20.15 -17.73 8.57
CA ASN A 60 -18.80 -17.27 8.89
C ASN A 60 -18.84 -15.75 9.12
N PHE A 61 -19.51 -15.01 8.23
CA PHE A 61 -19.62 -13.58 8.38
C PHE A 61 -20.43 -13.19 9.61
N VAL A 62 -21.52 -13.90 9.88
CA VAL A 62 -22.37 -13.58 11.04
C VAL A 62 -21.57 -13.70 12.36
N ARG A 63 -20.74 -14.75 12.45
CA ARG A 63 -19.93 -15.03 13.63
C ARG A 63 -18.86 -13.96 13.78
N THR A 64 -18.18 -13.60 12.68
CA THR A 64 -17.13 -12.59 12.71
C THR A 64 -17.72 -11.20 13.04
N PHE A 65 -18.84 -10.84 12.41
CA PHE A 65 -19.50 -9.55 12.63
C PHE A 65 -19.96 -9.40 14.09
N LEU A 66 -20.65 -10.40 14.63
CA LEU A 66 -21.14 -10.32 16.00
C LEU A 66 -20.02 -10.39 17.05
N THR A 67 -18.84 -10.89 16.70
CA THR A 67 -17.68 -10.88 17.60
C THR A 67 -17.03 -9.49 17.61
N THR A 68 -16.98 -8.83 16.44
CA THR A 68 -16.21 -7.59 16.25
C THR A 68 -16.97 -6.28 16.01
N TYR A 69 -18.31 -6.30 15.93
CA TYR A 69 -19.07 -5.11 15.55
C TYR A 69 -18.97 -3.93 16.52
N ARG A 70 -18.69 -4.22 17.82
CA ARG A 70 -18.60 -3.16 18.83
C ARG A 70 -17.42 -2.19 18.55
N SER A 71 -16.48 -2.55 17.63
CA SER A 71 -15.38 -1.68 17.21
C SER A 71 -15.81 -0.66 16.10
N PHE A 72 -17.04 -0.76 15.58
CA PHE A 72 -17.54 0.23 14.60
C PHE A 72 -19.03 0.56 14.74
N CYS A 73 -19.74 -0.07 15.69
CA CYS A 73 -21.17 0.12 15.85
C CYS A 73 -21.55 -0.21 17.28
N LYS A 74 -22.36 0.63 17.92
CA LYS A 74 -22.79 0.34 19.30
C LYS A 74 -23.90 -0.73 19.29
N PRO A 75 -24.02 -1.56 20.34
CA PRO A 75 -25.13 -2.53 20.39
C PRO A 75 -26.53 -1.96 20.12
N GLN A 76 -26.85 -0.78 20.67
CA GLN A 76 -28.15 -0.11 20.46
C GLN A 76 -28.35 0.27 18.98
N GLU A 77 -27.28 0.71 18.33
CA GLU A 77 -27.31 1.07 16.92
C GLU A 77 -27.48 -0.16 16.03
N LEU A 78 -26.78 -1.28 16.35
CA LEU A 78 -26.93 -2.53 15.60
C LEU A 78 -28.38 -3.01 15.67
N LEU A 79 -29.00 -2.99 16.86
CA LEU A 79 -30.38 -3.43 16.98
C LEU A 79 -31.33 -2.56 16.15
N SER A 80 -31.13 -1.24 16.16
CA SER A 80 -31.95 -0.33 15.36
C SER A 80 -31.78 -0.64 13.87
N LEU A 81 -30.53 -0.89 13.44
CA LEU A 81 -30.24 -1.18 12.06
C LEU A 81 -30.86 -2.51 11.58
N ILE A 82 -30.79 -3.59 12.38
CA ILE A 82 -31.37 -4.86 11.93
C ILE A 82 -32.91 -4.79 11.97
N ILE A 83 -33.49 -3.99 12.87
CA ILE A 83 -34.95 -3.80 12.88
C ILE A 83 -35.35 -3.00 11.62
N GLU A 84 -34.54 -2.01 11.22
CA GLU A 84 -34.77 -1.21 10.03
C GLU A 84 -34.68 -2.10 8.76
N ARG A 85 -33.70 -3.03 8.77
CA ARG A 85 -33.47 -4.01 7.71
C ARG A 85 -34.69 -4.90 7.52
N PHE A 86 -35.26 -5.37 8.65
CA PHE A 86 -36.42 -6.25 8.72
C PHE A 86 -37.68 -5.61 8.12
N GLU A 87 -37.85 -4.31 8.34
CA GLU A 87 -39.04 -3.58 7.91
C GLU A 87 -38.94 -3.18 6.45
N ILE A 88 -39.21 -4.14 5.55
CA ILE A 88 -39.10 -3.93 4.12
C ILE A 88 -40.42 -3.47 3.55
N PRO A 89 -40.47 -2.32 2.88
CA PRO A 89 -41.74 -1.92 2.24
C PRO A 89 -42.10 -2.86 1.08
N GLU A 90 -43.39 -3.11 0.91
CA GLU A 90 -43.87 -3.95 -0.17
C GLU A 90 -44.22 -3.08 -1.38
N PRO A 91 -44.10 -3.61 -2.60
CA PRO A 91 -44.44 -2.79 -3.78
C PRO A 91 -45.94 -2.50 -3.88
N GLU A 92 -46.29 -1.38 -4.52
CA GLU A 92 -47.67 -1.03 -4.77
C GLU A 92 -48.30 -2.03 -5.75
N PRO A 93 -49.64 -2.21 -5.74
CA PRO A 93 -50.26 -3.06 -6.74
C PRO A 93 -50.06 -2.52 -8.16
N THR A 94 -50.06 -3.41 -9.14
CA THR A 94 -49.96 -3.01 -10.55
C THR A 94 -51.27 -2.29 -10.96
N GLU A 95 -51.29 -1.64 -12.13
CA GLU A 95 -52.49 -0.94 -12.60
C GLU A 95 -53.69 -1.89 -12.69
N ALA A 96 -53.48 -3.11 -13.27
CA ALA A 96 -54.58 -4.08 -13.42
C ALA A 96 -55.08 -4.54 -12.06
N ASP A 97 -54.17 -4.76 -11.11
CA ASP A 97 -54.55 -5.18 -9.78
C ASP A 97 -55.21 -4.07 -8.97
N ARG A 98 -54.86 -2.82 -9.24
CA ARG A 98 -55.51 -1.65 -8.63
C ARG A 98 -56.99 -1.64 -9.06
N ILE A 99 -57.25 -1.88 -10.37
CA ILE A 99 -58.62 -1.97 -10.91
C ILE A 99 -59.38 -3.13 -10.25
N ALA A 100 -58.70 -4.27 -10.09
CA ALA A 100 -59.28 -5.44 -9.43
C ALA A 100 -59.70 -5.11 -7.97
N ILE A 101 -58.79 -4.48 -7.18
CA ILE A 101 -59.02 -4.12 -5.78
C ILE A 101 -60.21 -3.14 -5.67
N GLU A 102 -60.25 -2.12 -6.52
CA GLU A 102 -61.32 -1.12 -6.48
C GLU A 102 -62.68 -1.69 -6.93
N ASN A 103 -62.68 -2.80 -7.68
CA ASN A 103 -63.90 -3.51 -8.05
C ASN A 103 -64.34 -4.56 -7.00
N GLY A 104 -63.62 -4.70 -5.90
CA GLY A 104 -63.92 -5.64 -4.85
C GLY A 104 -63.43 -7.05 -5.09
N ASP A 105 -62.53 -7.23 -6.07
CA ASP A 105 -61.99 -8.54 -6.45
C ASP A 105 -60.58 -8.73 -5.94
N GLN A 106 -60.15 -10.00 -5.86
CA GLN A 106 -58.82 -10.33 -5.41
C GLN A 106 -57.80 -10.03 -6.50
N PRO A 107 -56.76 -9.26 -6.19
CA PRO A 107 -55.73 -9.00 -7.20
C PRO A 107 -54.86 -10.23 -7.45
N LEU A 108 -54.22 -10.29 -8.62
CA LEU A 108 -53.29 -11.37 -8.94
C LEU A 108 -52.03 -11.26 -8.05
N SER A 109 -51.52 -10.03 -7.83
CA SER A 109 -50.35 -9.79 -6.97
C SER A 109 -49.13 -10.70 -7.29
N ALA A 110 -48.84 -10.94 -8.58
CA ALA A 110 -47.74 -11.82 -8.97
C ALA A 110 -46.36 -11.30 -8.50
N GLU A 111 -46.07 -10.01 -8.71
CA GLU A 111 -44.76 -9.47 -8.33
C GLU A 111 -44.69 -9.28 -6.82
N LEU A 112 -45.79 -8.89 -6.17
CA LEU A 112 -45.83 -8.75 -4.71
C LEU A 112 -45.51 -10.10 -4.05
N LYS A 113 -46.13 -11.20 -4.51
CA LYS A 113 -45.89 -12.54 -3.98
C LYS A 113 -44.46 -13.02 -4.21
N ARG A 114 -43.91 -12.73 -5.40
CA ARG A 114 -42.54 -13.08 -5.74
C ARG A 114 -41.59 -12.30 -4.81
N PHE A 115 -41.79 -10.99 -4.66
CA PHE A 115 -40.96 -10.15 -3.80
C PHE A 115 -41.01 -10.61 -2.34
N ARG A 116 -42.19 -10.98 -1.84
CA ARG A 116 -42.31 -11.46 -0.47
C ARG A 116 -41.55 -12.77 -0.26
N LYS A 117 -41.63 -13.67 -1.25
CA LYS A 117 -41.02 -14.98 -1.14
C LYS A 117 -39.51 -14.96 -1.39
N GLU A 118 -39.05 -14.24 -2.41
CA GLU A 118 -37.63 -14.21 -2.80
C GLU A 118 -36.82 -13.12 -2.13
N TYR A 119 -37.46 -12.11 -1.47
CA TYR A 119 -36.71 -11.04 -0.79
C TYR A 119 -37.12 -10.81 0.69
N ILE A 120 -38.39 -10.45 0.94
CA ILE A 120 -38.83 -10.12 2.30
C ILE A 120 -38.63 -11.29 3.27
N GLN A 121 -39.20 -12.46 2.98
CA GLN A 121 -39.10 -13.60 3.89
C GLN A 121 -37.62 -14.03 4.13
N PRO A 122 -36.77 -14.21 3.09
CA PRO A 122 -35.35 -14.51 3.34
C PRO A 122 -34.63 -13.46 4.20
N VAL A 123 -34.80 -12.16 3.92
CA VAL A 123 -34.12 -11.10 4.67
C VAL A 123 -34.59 -11.13 6.13
N GLN A 124 -35.91 -11.19 6.34
CA GLN A 124 -36.48 -11.23 7.69
C GLN A 124 -36.01 -12.46 8.50
N LEU A 125 -35.98 -13.65 7.88
CA LEU A 125 -35.46 -14.86 8.55
C LEU A 125 -33.96 -14.69 8.85
N ARG A 126 -33.23 -14.00 7.97
CA ARG A 126 -31.80 -13.76 8.20
C ARG A 126 -31.57 -12.76 9.34
N VAL A 127 -32.48 -11.79 9.53
CA VAL A 127 -32.43 -10.87 10.66
C VAL A 127 -32.69 -11.67 11.95
N LEU A 128 -33.67 -12.56 11.94
CA LEU A 128 -33.97 -13.38 13.11
C LEU A 128 -32.81 -14.32 13.47
N ASN A 129 -32.06 -14.80 12.46
CA ASN A 129 -30.86 -15.61 12.68
C ASN A 129 -29.74 -14.81 13.34
N VAL A 130 -29.63 -13.51 13.02
CA VAL A 130 -28.65 -12.62 13.65
C VAL A 130 -29.04 -12.44 15.13
N CYS A 131 -30.34 -12.20 15.39
CA CYS A 131 -30.88 -12.06 16.75
C CYS A 131 -30.57 -13.31 17.59
N ARG A 132 -30.76 -14.49 16.99
CA ARG A 132 -30.51 -15.76 17.67
C ARG A 132 -29.02 -15.94 18.01
N HIS A 133 -28.15 -15.66 17.04
CA HIS A 133 -26.70 -15.78 17.26
C HIS A 133 -26.21 -14.77 18.31
N TRP A 134 -26.79 -13.56 18.29
CA TRP A 134 -26.50 -12.48 19.21
C TRP A 134 -26.83 -12.90 20.67
N VAL A 135 -28.03 -13.44 20.92
CA VAL A 135 -28.41 -13.82 22.28
C VAL A 135 -27.73 -15.11 22.76
N GLU A 136 -27.38 -16.01 21.84
CA GLU A 136 -26.70 -17.26 22.20
C GLU A 136 -25.22 -17.06 22.52
N HIS A 137 -24.50 -16.31 21.67
CA HIS A 137 -23.07 -16.16 21.83
C HIS A 137 -22.59 -14.87 22.45
N HIS A 138 -23.47 -13.85 22.57
CA HIS A 138 -23.08 -12.55 23.08
C HIS A 138 -24.13 -11.99 24.04
N PHE A 139 -24.71 -12.84 24.89
CA PHE A 139 -25.75 -12.40 25.81
C PHE A 139 -25.27 -11.30 26.77
N TYR A 140 -23.96 -11.20 27.00
CA TYR A 140 -23.39 -10.15 27.85
C TYR A 140 -23.80 -8.75 27.38
N ASP A 141 -24.07 -8.55 26.08
CA ASP A 141 -24.51 -7.23 25.58
C ASP A 141 -25.84 -6.85 26.23
N PHE A 142 -26.71 -7.83 26.43
CA PHE A 142 -28.04 -7.70 27.05
C PHE A 142 -27.96 -7.65 28.59
N GLU A 143 -26.97 -8.30 29.20
CA GLU A 143 -26.77 -8.24 30.65
C GLU A 143 -26.24 -6.86 31.04
N ARG A 144 -25.33 -6.30 30.23
CA ARG A 144 -24.77 -4.97 30.46
C ARG A 144 -25.78 -3.86 30.12
N ASP A 145 -26.81 -4.13 29.29
CA ASP A 145 -27.80 -3.14 28.90
C ASP A 145 -29.21 -3.74 28.91
N ALA A 146 -29.94 -3.56 30.02
CA ALA A 146 -31.30 -4.07 30.15
C ALA A 146 -32.26 -3.45 29.13
N TYR A 147 -32.05 -2.19 28.79
CA TYR A 147 -32.89 -1.49 27.82
C TYR A 147 -32.76 -2.16 26.44
N LEU A 148 -31.54 -2.57 26.05
CA LEU A 148 -31.30 -3.28 24.79
C LEU A 148 -32.12 -4.59 24.75
N LEU A 149 -32.17 -5.32 25.87
CA LEU A 149 -32.93 -6.57 25.95
C LEU A 149 -34.41 -6.28 25.85
N GLN A 150 -34.91 -5.22 26.49
CA GLN A 150 -36.31 -4.82 26.41
C GLN A 150 -36.70 -4.55 24.96
N ARG A 151 -35.84 -3.86 24.22
CA ARG A 151 -36.12 -3.55 22.81
C ARG A 151 -36.13 -4.82 21.97
N MET A 152 -35.21 -5.76 22.26
CA MET A 152 -35.10 -7.03 21.57
C MET A 152 -36.34 -7.88 21.81
N GLU A 153 -36.77 -7.99 23.08
CA GLU A 153 -37.94 -8.78 23.45
C GLU A 153 -39.23 -8.17 22.89
N GLU A 154 -39.31 -6.83 22.80
CA GLU A 154 -40.46 -6.15 22.20
C GLU A 154 -40.48 -6.43 20.70
N PHE A 155 -39.33 -6.34 20.03
CA PHE A 155 -39.24 -6.61 18.60
C PHE A 155 -39.62 -8.08 18.29
N ILE A 156 -38.93 -9.02 18.92
CA ILE A 156 -39.21 -10.46 18.76
C ILE A 156 -40.70 -10.79 19.07
N GLY A 157 -41.23 -10.23 20.16
CA GLY A 157 -42.60 -10.44 20.57
C GLY A 157 -43.67 -9.88 19.65
N THR A 158 -43.33 -8.94 18.75
CA THR A 158 -44.31 -8.39 17.80
C THR A 158 -44.15 -8.97 16.38
N VAL A 159 -43.24 -9.92 16.15
CA VAL A 159 -43.02 -10.52 14.85
C VAL A 159 -44.21 -11.45 14.54
N ARG A 160 -44.80 -11.32 13.35
CA ARG A 160 -45.95 -12.15 12.94
C ARG A 160 -45.65 -12.96 11.67
N GLY A 161 -45.99 -14.25 11.68
CA GLY A 161 -45.76 -15.12 10.54
C GLY A 161 -45.65 -16.58 10.93
N LYS A 162 -46.09 -17.48 10.02
CA LYS A 162 -46.00 -18.92 10.25
C LYS A 162 -44.52 -19.31 10.23
N ALA A 163 -43.78 -18.86 9.20
CA ALA A 163 -42.35 -19.16 9.05
C ALA A 163 -41.45 -18.49 10.10
N MET A 164 -41.95 -17.44 10.77
CA MET A 164 -41.18 -16.70 11.79
C MET A 164 -41.36 -17.33 13.19
N LYS A 165 -42.54 -17.90 13.45
CA LYS A 165 -42.96 -18.52 14.72
C LYS A 165 -41.87 -19.40 15.37
N LYS A 166 -41.31 -20.34 14.60
CA LYS A 166 -40.27 -21.22 15.14
C LYS A 166 -39.02 -20.43 15.55
N TRP A 167 -38.61 -19.42 14.75
CA TRP A 167 -37.46 -18.58 15.06
C TRP A 167 -37.70 -17.76 16.32
N VAL A 168 -38.89 -17.15 16.46
CA VAL A 168 -39.24 -16.35 17.64
C VAL A 168 -39.15 -17.22 18.91
N GLU A 169 -39.65 -18.46 18.86
CA GLU A 169 -39.60 -19.35 20.01
C GLU A 169 -38.17 -19.75 20.40
N SER A 170 -37.30 -20.07 19.41
CA SER A 170 -35.91 -20.45 19.73
C SER A 170 -35.15 -19.26 20.35
N ILE A 171 -35.41 -18.04 19.87
CA ILE A 171 -34.77 -16.84 20.41
C ILE A 171 -35.23 -16.65 21.86
N THR A 172 -36.54 -16.73 22.11
CA THR A 172 -37.08 -16.60 23.48
C THR A 172 -36.52 -17.70 24.41
N LYS A 173 -36.44 -18.93 23.92
CA LYS A 173 -35.89 -20.06 24.69
C LYS A 173 -34.44 -19.76 25.14
N ILE A 174 -33.60 -19.27 24.22
CA ILE A 174 -32.21 -18.94 24.52
C ILE A 174 -32.13 -17.81 25.55
N ILE A 175 -32.90 -16.72 25.33
CA ILE A 175 -32.90 -15.58 26.27
C ILE A 175 -33.27 -16.03 27.69
N GLN A 176 -34.32 -16.86 27.82
CA GLN A 176 -34.74 -17.35 29.12
C GLN A 176 -33.69 -18.28 29.75
N ARG A 177 -33.08 -19.15 28.95
CA ARG A 177 -32.01 -20.04 29.43
C ARG A 177 -30.79 -19.22 29.94
N LYS A 178 -30.49 -18.09 29.28
CA LYS A 178 -29.38 -17.23 29.69
C LYS A 178 -29.70 -16.48 30.98
N LYS A 179 -30.93 -16.01 31.14
CA LYS A 179 -31.35 -15.35 32.38
C LYS A 179 -31.28 -16.32 33.56
N ILE A 180 -31.69 -17.58 33.36
CA ILE A 180 -31.67 -18.62 34.39
C ILE A 180 -30.23 -18.93 34.81
N ALA A 181 -29.30 -19.04 33.84
CA ALA A 181 -27.89 -19.33 34.15
C ALA A 181 -27.29 -18.23 35.01
N ARG A 182 -27.67 -16.97 34.78
CA ARG A 182 -27.23 -15.80 35.55
C ARG A 182 -27.66 -15.94 37.03
N ASP A 183 -28.92 -16.29 37.28
CA ASP A 183 -29.44 -16.45 38.64
C ASP A 183 -28.98 -17.78 39.25
N THR A 191 -18.58 -35.24 36.36
CA THR A 191 -17.77 -34.50 35.38
C THR A 191 -16.54 -35.34 34.91
N PHE A 192 -15.58 -35.68 35.82
CA PHE A 192 -14.37 -36.43 35.44
C PHE A 192 -14.46 -37.94 35.62
N GLN A 193 -13.84 -38.69 34.69
CA GLN A 193 -13.81 -40.15 34.70
C GLN A 193 -12.97 -40.69 35.86
N SER A 194 -11.88 -40.01 36.20
CA SER A 194 -10.97 -40.44 37.26
C SER A 194 -10.98 -39.46 38.43
N SER A 195 -10.64 -39.97 39.62
CA SER A 195 -10.56 -39.14 40.83
C SER A 195 -9.32 -38.25 40.72
N PRO A 196 -9.35 -37.01 41.24
CA PRO A 196 -8.15 -36.15 41.17
C PRO A 196 -7.06 -36.60 42.13
N PRO A 197 -5.81 -36.16 41.95
CA PRO A 197 -4.74 -36.58 42.89
C PRO A 197 -4.92 -35.97 44.29
N THR A 198 -4.30 -36.62 45.28
CA THR A 198 -4.34 -36.18 46.67
C THR A 198 -3.71 -34.76 46.79
N VAL A 199 -4.39 -33.85 47.51
CA VAL A 199 -3.92 -32.50 47.75
C VAL A 199 -2.64 -32.59 48.58
N GLU A 200 -1.57 -31.91 48.13
CA GLU A 200 -0.26 -31.92 48.77
C GLU A 200 -0.10 -30.81 49.81
N TRP A 201 0.44 -31.17 50.98
CA TRP A 201 0.74 -30.24 52.06
C TRP A 201 2.23 -30.35 52.42
N HIS A 202 2.81 -29.24 52.89
CA HIS A 202 4.22 -29.20 53.25
C HIS A 202 4.36 -28.73 54.73
N ILE A 203 4.62 -27.44 55.04
CA ILE A 203 4.76 -26.98 56.42
C ILE A 203 3.39 -26.51 56.94
N SER A 204 2.72 -25.64 56.16
CA SER A 204 1.39 -25.13 56.51
C SER A 204 0.40 -26.28 56.55
N ARG A 205 -0.44 -26.29 57.57
CA ARG A 205 -1.45 -27.34 57.73
C ARG A 205 -2.75 -26.91 57.11
N PRO A 206 -3.61 -27.85 56.65
CA PRO A 206 -4.92 -27.45 56.14
C PRO A 206 -5.68 -26.57 57.14
N GLY A 207 -6.24 -25.46 56.67
CA GLY A 207 -6.98 -24.52 57.49
C GLY A 207 -6.16 -23.44 58.16
N HIS A 208 -4.82 -23.60 58.27
CA HIS A 208 -3.98 -22.59 58.91
C HIS A 208 -3.53 -21.55 57.90
N ILE A 209 -4.51 -20.84 57.34
CA ILE A 209 -4.34 -19.82 56.31
C ILE A 209 -3.33 -18.74 56.66
N GLU A 210 -3.20 -18.43 57.96
CA GLU A 210 -2.29 -17.42 58.47
C GLU A 210 -0.84 -17.73 58.11
N THR A 211 -0.46 -19.02 58.07
CA THR A 211 0.90 -19.42 57.75
C THR A 211 1.16 -19.62 56.26
N PHE A 212 0.13 -19.60 55.41
CA PHE A 212 0.32 -19.82 53.97
C PHE A 212 1.32 -18.83 53.36
N ASP A 213 2.28 -19.35 52.63
CA ASP A 213 3.31 -18.53 51.98
C ASP A 213 4.03 -19.37 50.90
N LEU A 214 4.96 -18.75 50.17
CA LEU A 214 5.66 -19.39 49.07
C LEU A 214 6.38 -20.67 49.47
N LEU A 215 7.07 -20.66 50.60
CA LEU A 215 7.85 -21.81 51.05
C LEU A 215 7.11 -22.77 52.00
N THR A 216 5.96 -22.37 52.56
CA THR A 216 5.23 -23.22 53.51
C THR A 216 4.19 -24.11 52.84
N LEU A 217 3.59 -23.63 51.74
CA LEU A 217 2.67 -24.43 50.96
C LEU A 217 3.51 -25.39 50.10
N HIS A 218 2.95 -26.55 49.72
CA HIS A 218 3.70 -27.51 48.91
C HIS A 218 3.86 -26.93 47.48
N PRO A 219 5.08 -26.92 46.86
CA PRO A 219 5.19 -26.37 45.51
C PRO A 219 4.28 -27.01 44.48
N ILE A 220 3.99 -28.32 44.62
CA ILE A 220 3.08 -28.99 43.70
C ILE A 220 1.68 -28.37 43.81
N GLU A 221 1.23 -28.12 45.04
CA GLU A 221 -0.11 -27.61 45.27
C GLU A 221 -0.27 -26.15 44.87
N ILE A 222 0.80 -25.36 45.01
CA ILE A 222 0.80 -23.96 44.55
C ILE A 222 0.57 -23.94 43.03
N ALA A 223 1.32 -24.77 42.31
CA ALA A 223 1.17 -24.87 40.87
C ALA A 223 -0.21 -25.42 40.47
N ARG A 224 -0.73 -26.44 41.18
CA ARG A 224 -2.05 -26.97 40.84
C ARG A 224 -3.14 -25.92 41.06
N GLN A 225 -3.13 -25.24 42.21
CA GLN A 225 -4.15 -24.24 42.51
C GLN A 225 -4.05 -22.99 41.65
N LEU A 226 -2.83 -22.59 41.29
CA LEU A 226 -2.64 -21.46 40.38
C LEU A 226 -3.10 -21.87 38.97
N THR A 227 -2.89 -23.15 38.56
CA THR A 227 -3.32 -23.65 37.25
C THR A 227 -4.84 -23.70 37.15
N LEU A 228 -5.54 -24.09 38.22
CA LEU A 228 -7.01 -24.08 38.23
C LEU A 228 -7.51 -22.62 38.17
N LEU A 229 -6.90 -21.74 38.99
CA LEU A 229 -7.26 -20.31 39.02
C LEU A 229 -7.09 -19.67 37.62
N GLU A 230 -5.95 -19.90 36.97
CA GLU A 230 -5.63 -19.34 35.67
C GLU A 230 -6.45 -19.98 34.57
N SER A 231 -6.76 -21.28 34.69
CA SER A 231 -7.60 -21.98 33.72
C SER A 231 -8.99 -21.32 33.69
N ASP A 232 -9.56 -21.08 34.87
CA ASP A 232 -10.85 -20.41 35.02
C ASP A 232 -10.83 -19.00 34.48
N LEU A 233 -9.72 -18.28 34.69
CA LEU A 233 -9.61 -16.90 34.19
C LEU A 233 -9.52 -16.90 32.67
N TYR A 234 -8.74 -17.81 32.10
CA TYR A 234 -8.57 -17.95 30.65
C TYR A 234 -9.91 -18.25 29.97
N ARG A 235 -10.64 -19.22 30.51
CA ARG A 235 -11.93 -19.67 29.99
C ARG A 235 -13.03 -18.60 30.06
N ALA A 236 -12.94 -17.66 31.00
CA ALA A 236 -13.95 -16.62 31.14
C ALA A 236 -13.79 -15.47 30.15
N VAL A 237 -12.63 -15.32 29.50
CA VAL A 237 -12.43 -14.21 28.57
C VAL A 237 -13.22 -14.43 27.28
N GLN A 238 -14.09 -13.47 26.94
CA GLN A 238 -14.87 -13.54 25.71
C GLN A 238 -14.09 -12.85 24.58
N PRO A 239 -14.10 -13.37 23.34
CA PRO A 239 -13.36 -12.72 22.23
C PRO A 239 -13.53 -11.19 22.06
N SER A 240 -14.75 -10.65 22.27
CA SER A 240 -15.01 -9.21 22.11
C SER A 240 -14.31 -8.32 23.14
N GLU A 241 -13.84 -8.91 24.26
CA GLU A 241 -13.06 -8.17 25.25
C GLU A 241 -11.69 -7.72 24.67
N LEU A 242 -11.22 -8.35 23.58
CA LEU A 242 -9.96 -8.04 22.93
C LEU A 242 -10.12 -7.22 21.65
N VAL A 243 -11.33 -7.13 21.08
CA VAL A 243 -11.54 -6.41 19.83
C VAL A 243 -11.51 -4.89 20.05
N GLY A 244 -10.91 -4.17 19.10
CA GLY A 244 -10.76 -2.72 19.16
C GLY A 244 -9.95 -2.23 20.33
N SER A 245 -9.07 -3.09 20.90
CA SER A 245 -8.24 -2.77 22.07
C SER A 245 -9.07 -2.19 23.23
N VAL A 246 -10.33 -2.65 23.39
CA VAL A 246 -11.25 -2.11 24.40
C VAL A 246 -10.72 -2.24 25.84
N TRP A 247 -9.76 -3.14 26.12
CA TRP A 247 -9.21 -3.26 27.46
C TRP A 247 -8.24 -2.11 27.80
N THR A 248 -7.76 -1.34 26.78
CA THR A 248 -6.89 -0.18 26.97
C THR A 248 -7.69 1.16 26.89
N LYS A 249 -9.05 1.11 26.72
CA LYS A 249 -9.88 2.31 26.58
C LYS A 249 -10.68 2.63 27.88
N GLU A 250 -11.44 3.75 27.90
CA GLU A 250 -12.19 4.17 29.09
C GLU A 250 -13.12 3.10 29.68
N ASP A 251 -14.01 2.54 28.86
CA ASP A 251 -14.99 1.56 29.35
C ASP A 251 -14.42 0.14 29.50
N LYS A 252 -13.11 0.02 29.69
CA LYS A 252 -12.43 -1.28 29.85
C LYS A 252 -13.03 -2.15 30.95
N GLU A 253 -13.44 -1.55 32.07
CA GLU A 253 -14.01 -2.30 33.19
C GLU A 253 -15.33 -2.98 32.82
N ILE A 254 -16.10 -2.38 31.90
CA ILE A 254 -17.37 -2.97 31.49
C ILE A 254 -17.19 -3.86 30.24
N ASN A 255 -16.36 -3.44 29.27
CA ASN A 255 -16.18 -4.18 28.03
C ASN A 255 -15.18 -5.35 28.11
N SER A 256 -14.26 -5.32 29.08
CA SER A 256 -13.24 -6.35 29.20
C SER A 256 -13.01 -6.76 30.67
N PRO A 257 -14.07 -7.11 31.45
CA PRO A 257 -13.86 -7.45 32.86
C PRO A 257 -13.06 -8.72 33.13
N ASN A 258 -13.22 -9.73 32.29
CA ASN A 258 -12.53 -11.00 32.48
C ASN A 258 -11.08 -10.92 32.00
N LEU A 259 -10.83 -10.18 30.92
CA LEU A 259 -9.48 -9.99 30.43
C LEU A 259 -8.66 -9.22 31.45
N LEU A 260 -9.21 -8.13 31.99
CA LEU A 260 -8.53 -7.32 33.00
C LEU A 260 -8.25 -8.13 34.26
N LYS A 261 -9.16 -9.04 34.64
CA LYS A 261 -8.94 -9.90 35.80
C LYS A 261 -7.72 -10.84 35.55
N MET A 262 -7.58 -11.35 34.30
CA MET A 262 -6.47 -12.21 33.86
C MET A 262 -5.15 -11.41 33.89
N ILE A 263 -5.15 -10.19 33.33
CA ILE A 263 -3.98 -9.30 33.33
C ILE A 263 -3.54 -8.95 34.75
N ARG A 264 -4.50 -8.57 35.60
CA ARG A 264 -4.21 -8.19 36.97
C ARG A 264 -3.67 -9.38 37.78
N HIS A 265 -4.17 -10.60 37.51
CA HIS A 265 -3.64 -11.79 38.14
C HIS A 265 -2.18 -12.02 37.74
N THR A 266 -1.88 -11.91 36.45
CA THR A 266 -0.54 -12.14 35.94
C THR A 266 0.43 -11.11 36.51
N THR A 267 0.00 -9.85 36.58
CA THR A 267 0.82 -8.78 37.18
C THR A 267 1.04 -9.09 38.67
N ASN A 268 -0.03 -9.43 39.43
CA ASN A 268 0.09 -9.69 40.86
C ASN A 268 0.95 -10.92 41.16
N LEU A 269 0.79 -12.00 40.39
CA LEU A 269 1.58 -13.20 40.61
C LEU A 269 3.06 -12.97 40.28
N THR A 270 3.35 -12.37 39.11
CA THR A 270 4.72 -12.09 38.69
C THR A 270 5.44 -11.19 39.72
N LEU A 271 4.80 -10.07 40.10
CA LEU A 271 5.38 -9.15 41.06
C LEU A 271 5.52 -9.77 42.44
N TRP A 272 4.62 -10.68 42.82
CA TRP A 272 4.71 -11.39 44.09
C TRP A 272 5.95 -12.31 44.09
N PHE A 273 6.23 -13.03 42.99
CA PHE A 273 7.43 -13.86 42.90
C PHE A 273 8.69 -12.96 43.03
N GLU A 274 8.71 -11.82 42.35
CA GLU A 274 9.83 -10.87 42.45
C GLU A 274 9.98 -10.36 43.89
N LYS A 275 8.87 -10.05 44.55
CA LYS A 275 8.83 -9.54 45.93
C LYS A 275 9.41 -10.57 46.89
N CYS A 276 8.98 -11.85 46.78
CA CYS A 276 9.48 -12.97 47.60
C CYS A 276 11.00 -13.08 47.45
N ILE A 277 11.50 -12.94 46.22
CA ILE A 277 12.92 -13.03 45.90
C ILE A 277 13.73 -11.84 46.52
N VAL A 278 13.45 -10.60 46.12
CA VAL A 278 14.26 -9.45 46.57
C VAL A 278 14.07 -9.09 48.05
N GLU A 279 12.90 -9.39 48.65
CA GLU A 279 12.71 -9.16 50.08
C GLU A 279 13.30 -10.27 50.93
N THR A 280 13.93 -11.31 50.33
CA THR A 280 14.65 -12.33 51.09
C THR A 280 16.11 -11.88 50.97
N GLU A 281 16.58 -11.11 51.96
CA GLU A 281 17.91 -10.52 51.96
C GLU A 281 19.04 -11.53 52.10
N ASN A 282 18.86 -12.53 52.98
CA ASN A 282 19.88 -13.57 53.17
C ASN A 282 20.07 -14.36 51.85
N LEU A 283 21.30 -14.41 51.35
CA LEU A 283 21.61 -15.10 50.11
C LEU A 283 21.12 -16.55 50.04
N GLU A 284 21.46 -17.37 51.03
CA GLU A 284 21.11 -18.79 51.10
C GLU A 284 19.60 -18.98 51.06
N GLU A 285 18.87 -18.15 51.79
CA GLU A 285 17.41 -18.21 51.81
C GLU A 285 16.83 -17.78 50.47
N ARG A 286 17.42 -16.76 49.82
CA ARG A 286 16.92 -16.28 48.53
C ARG A 286 17.14 -17.35 47.47
N VAL A 287 18.25 -18.11 47.54
CA VAL A 287 18.51 -19.23 46.65
C VAL A 287 17.36 -20.29 46.83
N ALA A 288 16.96 -20.58 48.08
CA ALA A 288 15.84 -21.49 48.34
C ALA A 288 14.52 -20.98 47.72
N VAL A 289 14.24 -19.69 47.84
CA VAL A 289 13.06 -19.04 47.24
C VAL A 289 13.06 -19.20 45.70
N VAL A 290 14.17 -18.79 45.03
CA VAL A 290 14.32 -18.89 43.57
C VAL A 290 14.16 -20.36 43.13
N SER A 291 14.83 -21.27 43.84
CA SER A 291 14.77 -22.69 43.55
C SER A 291 13.34 -23.24 43.65
N ARG A 292 12.57 -22.75 44.63
CA ARG A 292 11.20 -23.17 44.80
C ARG A 292 10.32 -22.66 43.67
N ILE A 293 10.56 -21.42 43.19
CA ILE A 293 9.77 -20.88 42.10
C ILE A 293 10.07 -21.65 40.80
N ILE A 294 11.33 -22.12 40.59
CA ILE A 294 11.64 -22.95 39.42
C ILE A 294 10.92 -24.31 39.56
N GLU A 295 10.80 -24.86 40.77
CA GLU A 295 10.05 -26.10 40.97
C GLU A 295 8.58 -25.90 40.65
N ILE A 296 8.03 -24.72 40.99
CA ILE A 296 6.65 -24.38 40.65
C ILE A 296 6.50 -24.35 39.12
N LEU A 297 7.49 -23.75 38.41
CA LEU A 297 7.50 -23.75 36.94
C LEU A 297 7.54 -25.20 36.40
N GLN A 298 8.31 -26.11 37.05
CA GLN A 298 8.40 -27.50 36.61
C GLN A 298 7.05 -28.18 36.66
N VAL A 299 6.24 -27.87 37.69
CA VAL A 299 4.90 -28.47 37.80
C VAL A 299 3.94 -27.80 36.79
N PHE A 300 4.12 -26.50 36.50
CA PHE A 300 3.33 -25.83 35.46
C PHE A 300 3.58 -26.51 34.10
N GLN A 301 4.83 -26.89 33.83
CA GLN A 301 5.21 -27.62 32.61
C GLN A 301 4.49 -28.96 32.55
N GLU A 302 4.49 -29.72 33.67
CA GLU A 302 3.81 -31.01 33.76
C GLU A 302 2.31 -30.86 33.51
N LEU A 303 1.72 -29.76 33.99
CA LEU A 303 0.30 -29.47 33.79
C LEU A 303 -0.01 -28.74 32.48
N ASN A 304 1.00 -28.44 31.64
CA ASN A 304 0.81 -27.68 30.42
C ASN A 304 0.18 -26.31 30.67
N ASN A 305 0.52 -25.71 31.81
CA ASN A 305 0.09 -24.37 32.11
C ASN A 305 1.22 -23.47 31.60
N PHE A 306 1.20 -23.16 30.30
CA PHE A 306 2.20 -22.30 29.65
C PHE A 306 2.09 -20.85 30.14
N ASN A 307 0.88 -20.44 30.57
CA ASN A 307 0.67 -19.12 31.14
C ASN A 307 1.50 -18.97 32.44
N GLY A 308 1.46 -19.99 33.28
CA GLY A 308 2.22 -20.05 34.53
C GLY A 308 3.71 -20.11 34.30
N VAL A 309 4.15 -20.93 33.32
CA VAL A 309 5.57 -21.07 32.97
C VAL A 309 6.13 -19.69 32.55
N LEU A 310 5.42 -18.98 31.67
CA LEU A 310 5.88 -17.70 31.18
C LEU A 310 5.72 -16.57 32.23
N GLU A 311 4.88 -16.75 33.25
CA GLU A 311 4.83 -15.83 34.41
C GLU A 311 6.12 -15.93 35.24
N VAL A 312 6.61 -17.16 35.47
CA VAL A 312 7.86 -17.36 36.22
C VAL A 312 9.02 -16.81 35.39
N VAL A 313 9.00 -17.03 34.05
CA VAL A 313 10.05 -16.52 33.14
C VAL A 313 10.11 -15.00 33.25
N SER A 314 8.94 -14.35 33.25
CA SER A 314 8.83 -12.89 33.38
C SER A 314 9.45 -12.44 34.72
N ALA A 315 9.12 -13.11 35.81
CA ALA A 315 9.69 -12.77 37.14
C ALA A 315 11.22 -12.94 37.17
N MET A 316 11.73 -14.02 36.58
CA MET A 316 13.16 -14.29 36.54
C MET A 316 13.93 -13.38 35.60
N ASN A 317 13.27 -12.87 34.55
CA ASN A 317 13.84 -11.92 33.61
C ASN A 317 13.66 -10.45 34.01
N SER A 318 12.88 -10.16 35.04
CA SER A 318 12.67 -8.79 35.51
C SER A 318 13.99 -8.15 35.95
N SER A 319 14.08 -6.81 35.83
CA SER A 319 15.28 -6.05 36.23
C SER A 319 15.78 -6.36 37.65
N PRO A 320 14.90 -6.46 38.69
CA PRO A 320 15.40 -6.78 40.04
C PRO A 320 15.95 -8.20 40.22
N VAL A 321 15.41 -9.18 39.50
CA VAL A 321 15.80 -10.57 39.68
C VAL A 321 16.93 -11.01 38.74
N TYR A 322 16.81 -10.68 37.44
CA TYR A 322 17.77 -11.13 36.43
C TYR A 322 19.21 -10.74 36.76
N ARG A 323 19.41 -9.62 37.46
CA ARG A 323 20.72 -9.13 37.82
C ARG A 323 21.33 -9.81 39.06
N LEU A 324 20.62 -10.76 39.70
CA LEU A 324 21.11 -11.39 40.93
C LEU A 324 22.07 -12.54 40.65
N ASP A 325 23.26 -12.20 40.17
CA ASP A 325 24.31 -13.15 39.80
C ASP A 325 24.77 -14.09 40.93
N HIS A 326 24.82 -13.59 42.19
CA HIS A 326 25.23 -14.39 43.33
C HIS A 326 24.18 -15.44 43.70
N THR A 327 22.88 -15.16 43.41
CA THR A 327 21.79 -16.09 43.71
C THR A 327 21.78 -17.21 42.64
N PHE A 328 21.76 -16.86 41.34
CA PHE A 328 21.71 -17.85 40.28
C PHE A 328 22.97 -18.71 40.20
N GLU A 329 24.12 -18.20 40.70
CA GLU A 329 25.34 -19.00 40.77
C GLU A 329 25.14 -20.26 41.65
N GLN A 330 24.36 -20.15 42.73
CA GLN A 330 24.07 -21.28 43.61
C GLN A 330 22.89 -22.15 43.18
N ILE A 331 22.17 -21.76 42.12
CA ILE A 331 21.04 -22.54 41.64
C ILE A 331 21.58 -23.75 40.89
N PRO A 332 21.15 -25.00 41.20
CA PRO A 332 21.67 -26.16 40.46
C PRO A 332 21.55 -26.03 38.95
N SER A 333 22.58 -26.47 38.23
CA SER A 333 22.63 -26.40 36.76
C SER A 333 21.37 -26.92 36.08
N ARG A 334 20.80 -28.02 36.60
CA ARG A 334 19.59 -28.58 36.04
C ARG A 334 18.42 -27.59 36.10
N GLN A 335 18.24 -26.88 37.23
CA GLN A 335 17.17 -25.90 37.36
C GLN A 335 17.43 -24.70 36.44
N LYS A 336 18.70 -24.28 36.29
CA LYS A 336 19.01 -23.16 35.39
C LYS A 336 18.68 -23.55 33.95
N LYS A 337 19.00 -24.79 33.54
CA LYS A 337 18.69 -25.23 32.18
C LYS A 337 17.18 -25.30 31.95
N ILE A 338 16.39 -25.69 32.97
CA ILE A 338 14.94 -25.71 32.85
C ILE A 338 14.41 -24.27 32.61
N LEU A 339 14.98 -23.32 33.33
CA LEU A 339 14.62 -21.90 33.22
C LEU A 339 15.04 -21.32 31.85
N GLU A 340 16.24 -21.67 31.38
CA GLU A 340 16.75 -21.24 30.08
C GLU A 340 15.88 -21.76 28.94
N GLU A 341 15.45 -23.03 28.99
CA GLU A 341 14.57 -23.60 27.97
C GLU A 341 13.17 -22.97 28.02
N ALA A 342 12.69 -22.60 29.20
CA ALA A 342 11.40 -21.92 29.33
C ALA A 342 11.52 -20.54 28.67
N HIS A 343 12.63 -19.83 28.85
CA HIS A 343 12.86 -18.55 28.17
C HIS A 343 12.84 -18.73 26.64
N GLU A 344 13.54 -19.75 26.14
CA GLU A 344 13.61 -20.05 24.71
C GLU A 344 12.23 -20.33 24.07
N LEU A 345 11.20 -20.58 24.89
CA LEU A 345 9.84 -20.69 24.38
C LEU A 345 9.40 -19.35 23.72
N SER A 346 9.93 -18.21 24.22
CA SER A 346 9.59 -16.85 23.79
C SER A 346 10.41 -16.30 22.61
N GLU A 347 11.57 -16.88 22.34
CA GLU A 347 12.44 -16.40 21.28
C GLU A 347 11.87 -16.69 19.89
N ASP A 348 12.37 -15.99 18.86
CA ASP A 348 11.92 -16.15 17.45
C ASP A 348 10.39 -16.00 17.36
N HIS A 349 9.85 -14.96 18.01
CA HIS A 349 8.41 -14.70 18.05
C HIS A 349 7.62 -15.89 18.60
N TYR A 350 8.06 -16.45 19.73
CA TYR A 350 7.40 -17.57 20.39
C TYR A 350 7.29 -18.83 19.51
N LYS A 351 8.28 -19.05 18.64
CA LYS A 351 8.28 -20.20 17.74
C LYS A 351 8.15 -21.55 18.50
N LYS A 352 9.04 -21.78 19.48
CA LYS A 352 9.02 -23.03 20.25
C LYS A 352 7.77 -23.15 21.12
N TYR A 353 7.27 -22.02 21.66
CA TYR A 353 6.04 -22.02 22.44
C TYR A 353 4.86 -22.51 21.57
N LEU A 354 4.74 -22.01 20.34
CA LEU A 354 3.64 -22.39 19.48
C LEU A 354 3.78 -23.86 19.06
N ALA A 355 4.99 -24.33 18.81
CA ALA A 355 5.25 -25.73 18.47
C ALA A 355 4.84 -26.65 19.62
N LYS A 356 5.15 -26.25 20.88
CA LYS A 356 4.77 -27.01 22.07
C LYS A 356 3.27 -27.05 22.28
N LEU A 357 2.61 -25.90 22.14
CA LEU A 357 1.16 -25.82 22.32
C LEU A 357 0.41 -26.71 21.30
N ARG A 358 0.78 -26.61 20.02
CA ARG A 358 0.17 -27.42 18.97
C ARG A 358 0.49 -28.93 19.11
N SER A 359 1.54 -29.33 19.84
CA SER A 359 1.91 -30.74 20.02
C SER A 359 1.40 -31.42 21.31
N ILE A 360 1.13 -30.65 22.38
CA ILE A 360 0.66 -31.23 23.65
C ILE A 360 -0.78 -31.72 23.56
N ASN A 361 -1.13 -32.65 24.47
CA ASN A 361 -2.47 -33.16 24.60
C ASN A 361 -3.17 -32.38 25.70
N PRO A 362 -4.48 -32.12 25.57
CA PRO A 362 -5.18 -31.37 26.63
C PRO A 362 -5.24 -32.12 27.96
N PRO A 363 -5.46 -31.41 29.08
CA PRO A 363 -5.72 -29.97 29.18
C PRO A 363 -4.47 -29.09 29.24
N CYS A 364 -4.67 -27.82 28.96
CA CYS A 364 -3.61 -26.81 28.97
C CYS A 364 -4.17 -25.43 29.29
N VAL A 365 -3.28 -24.50 29.63
CA VAL A 365 -3.61 -23.10 29.83
C VAL A 365 -2.63 -22.35 28.91
N PRO A 366 -3.06 -21.92 27.71
CA PRO A 366 -2.14 -21.18 26.84
C PRO A 366 -1.65 -19.88 27.47
N PHE A 367 -0.50 -19.38 26.98
CA PHE A 367 0.04 -18.09 27.41
C PHE A 367 -0.86 -17.02 26.81
N PHE A 368 -1.52 -16.20 27.65
CA PHE A 368 -2.48 -15.20 27.17
C PHE A 368 -1.82 -13.98 26.55
N GLY A 369 -0.69 -13.57 27.10
CA GLY A 369 0.06 -12.41 26.63
C GLY A 369 0.32 -12.32 25.14
N ILE A 370 0.64 -13.45 24.49
CA ILE A 370 0.97 -13.45 23.06
C ILE A 370 -0.22 -12.97 22.22
N TYR A 371 -1.46 -13.33 22.63
CA TYR A 371 -2.67 -12.90 21.92
C TYR A 371 -2.86 -11.41 22.06
N LEU A 372 -2.64 -10.85 23.27
CA LEU A 372 -2.79 -9.42 23.48
C LEU A 372 -1.79 -8.65 22.62
N THR A 373 -0.54 -9.12 22.60
CA THR A 373 0.53 -8.52 21.80
C THR A 373 0.15 -8.52 20.31
N ASN A 374 -0.29 -9.68 19.77
CA ASN A 374 -0.61 -9.81 18.35
C ASN A 374 -1.89 -9.08 17.94
N ILE A 375 -2.84 -8.96 18.87
CA ILE A 375 -4.06 -8.20 18.60
C ILE A 375 -3.71 -6.70 18.59
N LEU A 376 -2.86 -6.23 19.55
CA LEU A 376 -2.45 -4.83 19.55
C LEU A 376 -1.68 -4.49 18.27
N LYS A 377 -0.83 -5.41 17.79
CA LYS A 377 -0.10 -5.20 16.54
C LYS A 377 -1.06 -5.11 15.35
N THR A 378 -2.09 -5.95 15.31
CA THR A 378 -3.09 -5.91 14.25
C THR A 378 -3.91 -4.61 14.33
N GLU A 379 -4.28 -4.19 15.56
CA GLU A 379 -5.07 -2.98 15.74
C GLU A 379 -4.28 -1.72 15.34
N GLU A 380 -2.99 -1.66 15.69
CA GLU A 380 -2.16 -0.52 15.37
C GLU A 380 -1.62 -0.50 13.93
N GLY A 381 -1.43 -1.66 13.32
CA GLY A 381 -0.84 -1.78 11.98
C GLY A 381 -1.81 -1.78 10.83
N ASN A 382 -3.11 -1.72 11.10
CA ASN A 382 -4.15 -1.73 10.07
C ASN A 382 -5.07 -0.54 10.29
N PRO A 383 -5.51 0.14 9.23
CA PRO A 383 -6.38 1.31 9.42
C PRO A 383 -7.81 0.93 9.80
N GLU A 384 -8.47 1.79 10.56
CA GLU A 384 -9.86 1.59 10.97
C GLU A 384 -10.80 1.65 9.76
N VAL A 385 -10.50 2.51 8.79
CA VAL A 385 -11.30 2.66 7.57
C VAL A 385 -10.44 2.64 6.32
N LEU A 386 -11.07 2.31 5.18
CA LEU A 386 -10.47 2.35 3.84
C LEU A 386 -11.23 3.41 3.06
N LYS A 387 -10.52 4.28 2.32
CA LYS A 387 -11.11 5.34 1.52
C LYS A 387 -11.27 4.92 0.04
N ARG A 388 -12.43 5.19 -0.54
CA ARG A 388 -12.68 4.93 -1.95
C ARG A 388 -13.53 6.06 -2.49
N HIS A 389 -13.03 6.81 -3.47
CA HIS A 389 -13.74 7.93 -4.08
C HIS A 389 -14.24 8.95 -3.04
N GLY A 390 -13.41 9.20 -2.01
CA GLY A 390 -13.74 10.15 -0.95
C GLY A 390 -14.63 9.61 0.17
N LYS A 391 -15.13 8.38 0.05
CA LYS A 391 -15.99 7.79 1.08
C LYS A 391 -15.19 6.88 2.02
N GLU A 392 -15.54 6.85 3.31
CA GLU A 392 -14.86 6.00 4.30
C GLU A 392 -15.65 4.72 4.53
N LEU A 393 -15.01 3.58 4.32
CA LEU A 393 -15.59 2.26 4.50
C LEU A 393 -14.95 1.58 5.68
N ILE A 394 -15.72 0.89 6.51
CA ILE A 394 -15.16 0.16 7.66
C ILE A 394 -14.24 -0.95 7.15
N ASN A 395 -13.02 -0.98 7.65
CA ASN A 395 -12.06 -2.01 7.24
C ASN A 395 -12.46 -3.26 7.98
N PHE A 396 -13.23 -4.13 7.32
CA PHE A 396 -13.73 -5.33 7.95
C PHE A 396 -12.67 -6.44 7.96
N SER A 397 -11.79 -6.52 6.96
CA SER A 397 -10.69 -7.50 6.98
C SER A 397 -9.81 -7.36 8.23
N LYS A 398 -9.67 -6.14 8.75
CA LYS A 398 -8.93 -5.89 10.00
C LYS A 398 -9.65 -6.61 11.14
N ARG A 399 -10.98 -6.45 11.23
CA ARG A 399 -11.80 -7.11 12.26
C ARG A 399 -11.74 -8.62 12.10
N ARG A 400 -11.76 -9.11 10.86
CA ARG A 400 -11.69 -10.54 10.61
C ARG A 400 -10.36 -11.12 11.14
N LYS A 401 -9.24 -10.40 10.92
CA LYS A 401 -7.94 -10.86 11.41
C LYS A 401 -7.92 -10.92 12.95
N VAL A 402 -8.52 -9.94 13.62
CA VAL A 402 -8.59 -9.93 15.08
C VAL A 402 -9.47 -11.11 15.54
N ALA A 403 -10.60 -11.35 14.85
CA ALA A 403 -11.50 -12.47 15.15
C ALA A 403 -10.82 -13.81 14.97
N GLU A 404 -9.92 -13.95 13.98
CA GLU A 404 -9.19 -15.19 13.77
C GLU A 404 -8.24 -15.43 14.96
N ILE A 405 -7.61 -14.37 15.50
CA ILE A 405 -6.74 -14.52 16.67
C ILE A 405 -7.55 -14.90 17.91
N THR A 406 -8.68 -14.23 18.14
CA THR A 406 -9.53 -14.59 19.29
C THR A 406 -10.12 -16.01 19.14
N GLY A 407 -10.30 -16.49 17.90
CA GLY A 407 -10.73 -17.85 17.63
C GLY A 407 -9.70 -18.85 18.13
N GLU A 408 -8.39 -18.51 18.00
CA GLU A 408 -7.32 -19.35 18.51
C GLU A 408 -7.38 -19.45 20.04
N ILE A 409 -7.85 -18.41 20.72
CA ILE A 409 -8.02 -18.41 22.17
C ILE A 409 -9.10 -19.44 22.52
N GLN A 410 -10.25 -19.38 21.82
CA GLN A 410 -11.41 -20.23 22.06
C GLN A 410 -11.20 -21.72 21.88
N GLN A 411 -10.32 -22.17 20.96
CA GLN A 411 -10.12 -23.62 20.76
C GLN A 411 -9.55 -24.34 22.00
N TYR A 412 -9.01 -23.59 22.98
CA TYR A 412 -8.47 -24.15 24.22
C TYR A 412 -9.30 -23.87 25.47
N GLN A 413 -10.47 -23.19 25.33
CA GLN A 413 -11.30 -22.82 26.47
C GLN A 413 -12.25 -23.92 27.02
N ASN A 414 -12.20 -25.16 26.53
CA ASN A 414 -13.05 -26.25 27.03
C ASN A 414 -12.14 -27.40 27.48
N GLN A 415 -11.15 -27.08 28.34
CA GLN A 415 -10.16 -28.05 28.81
C GLN A 415 -10.02 -27.99 30.34
N PRO A 416 -11.03 -28.49 31.07
CA PRO A 416 -10.95 -28.48 32.53
C PRO A 416 -9.92 -29.46 33.06
N TYR A 417 -9.35 -29.15 34.22
CA TYR A 417 -8.35 -30.00 34.84
C TYR A 417 -8.96 -30.91 35.88
N CYS A 418 -8.53 -32.19 35.90
CA CYS A 418 -8.94 -33.15 36.90
C CYS A 418 -8.03 -32.91 38.10
N LEU A 419 -8.29 -31.81 38.81
CA LEU A 419 -7.53 -31.41 39.99
C LEU A 419 -8.52 -30.87 41.01
N ARG A 420 -8.35 -31.25 42.27
CA ARG A 420 -9.24 -30.81 43.33
C ARG A 420 -8.89 -29.39 43.78
N VAL A 421 -9.91 -28.54 43.88
CA VAL A 421 -9.78 -27.18 44.38
C VAL A 421 -9.54 -27.27 45.88
N GLU A 422 -8.67 -26.39 46.38
CA GLU A 422 -8.43 -26.23 47.81
C GLU A 422 -8.78 -24.75 48.01
N SER A 423 -9.99 -24.52 48.53
CA SER A 423 -10.54 -23.17 48.69
C SER A 423 -9.63 -22.16 49.39
N ASP A 424 -8.93 -22.56 50.47
CA ASP A 424 -8.10 -21.63 51.22
C ASP A 424 -6.87 -21.19 50.41
N ILE A 425 -6.24 -22.14 49.70
CA ILE A 425 -5.08 -21.86 48.85
C ILE A 425 -5.55 -21.03 47.65
N LYS A 426 -6.74 -21.34 47.10
CA LYS A 426 -7.36 -20.58 46.01
C LYS A 426 -7.54 -19.11 46.44
N ARG A 427 -8.18 -18.88 47.61
CA ARG A 427 -8.39 -17.53 48.11
C ARG A 427 -7.07 -16.82 48.38
N PHE A 428 -6.04 -17.55 48.81
CA PHE A 428 -4.72 -16.96 49.07
C PHE A 428 -4.16 -16.34 47.77
N PHE A 429 -4.27 -17.05 46.63
CA PHE A 429 -3.76 -16.55 45.36
C PHE A 429 -4.68 -15.54 44.68
N GLU A 430 -5.99 -15.62 44.95
CA GLU A 430 -6.93 -14.63 44.44
C GLU A 430 -6.72 -13.27 45.11
N ASN A 431 -6.32 -13.26 46.39
CA ASN A 431 -6.13 -12.03 47.18
C ASN A 431 -4.68 -11.55 47.22
N LEU A 432 -3.77 -12.06 46.35
CA LEU A 432 -2.38 -11.59 46.35
C LEU A 432 -2.36 -10.11 46.00
N ASN A 433 -1.67 -9.31 46.82
CA ASN A 433 -1.60 -7.88 46.62
C ASN A 433 -0.17 -7.40 46.92
N PRO A 434 0.82 -7.84 46.13
CA PRO A 434 2.22 -7.45 46.44
C PRO A 434 2.52 -5.96 46.47
N MET A 435 1.87 -5.19 45.59
CA MET A 435 2.08 -3.74 45.51
C MET A 435 1.52 -3.01 46.73
N GLY A 436 0.41 -3.51 47.27
CA GLY A 436 -0.23 -2.89 48.42
C GLY A 436 -0.85 -1.58 47.99
N ASN A 437 -0.48 -0.49 48.67
CA ASN A 437 -0.98 0.83 48.30
C ASN A 437 -0.10 1.52 47.23
N SER A 438 1.04 0.91 46.83
CA SER A 438 1.92 1.50 45.81
C SER A 438 1.38 1.31 44.40
N MET A 439 1.78 2.20 43.47
CA MET A 439 1.45 2.04 42.05
C MET A 439 2.48 1.03 41.50
N GLU A 440 2.21 0.44 40.32
CA GLU A 440 3.11 -0.56 39.74
C GLU A 440 4.54 -0.01 39.49
N LYS A 441 4.68 1.11 38.76
CA LYS A 441 6.00 1.69 38.49
C LYS A 441 6.81 1.95 39.76
N GLU A 442 6.17 2.53 40.78
CA GLU A 442 6.87 2.84 42.03
C GLU A 442 7.23 1.54 42.79
N PHE A 443 6.37 0.52 42.73
CA PHE A 443 6.66 -0.77 43.35
C PHE A 443 7.84 -1.47 42.65
N THR A 444 7.87 -1.44 41.32
CA THR A 444 8.96 -2.06 40.57
C THR A 444 10.27 -1.27 40.79
N ASP A 445 10.19 0.06 40.96
CA ASP A 445 11.39 0.86 41.32
C ASP A 445 11.86 0.43 42.71
N TYR A 446 10.93 0.17 43.64
CA TYR A 446 11.26 -0.32 44.97
C TYR A 446 11.97 -1.69 44.86
N LEU A 447 11.41 -2.62 44.04
CA LEU A 447 12.01 -3.94 43.86
C LEU A 447 13.44 -3.84 43.31
N PHE A 448 13.67 -2.94 42.34
CA PHE A 448 15.01 -2.74 41.77
C PHE A 448 15.97 -2.12 42.78
N ASN A 449 15.50 -1.13 43.57
CA ASN A 449 16.34 -0.53 44.60
C ASN A 449 16.66 -1.57 45.69
N LYS A 450 15.69 -2.45 46.01
CA LYS A 450 15.87 -3.54 46.97
C LYS A 450 16.88 -4.55 46.43
N SER A 451 16.85 -4.83 45.12
CA SER A 451 17.82 -5.70 44.47
C SER A 451 19.25 -5.14 44.60
N LEU A 452 19.41 -3.81 44.46
CA LEU A 452 20.73 -3.17 44.63
C LEU A 452 21.20 -3.25 46.09
N GLU A 453 20.26 -3.18 47.05
CA GLU A 453 20.59 -3.31 48.47
C GLU A 453 21.16 -4.73 48.77
N ILE A 454 20.43 -5.78 48.39
CA ILE A 454 20.82 -7.17 48.69
C ILE A 454 22.03 -7.67 47.89
N GLU A 455 22.20 -7.22 46.62
CA GLU A 455 23.36 -7.58 45.81
C GLU A 455 23.87 -6.32 45.12
N PRO A 456 24.71 -5.53 45.82
CA PRO A 456 25.21 -4.28 45.22
C PRO A 456 26.05 -4.48 43.97
N ARG A 457 26.17 -3.43 43.13
CA ARG A 457 26.99 -3.49 41.92
C ARG A 457 28.49 -3.73 42.20
N ASN A 458 29.18 -4.33 41.21
CA ASN A 458 30.58 -4.80 41.16
C ASN A 458 31.59 -4.26 42.24
N PRO A 459 31.91 -2.93 42.33
CA PRO A 459 32.94 -2.49 43.30
C PRO A 459 32.52 -2.71 44.75
N LYS A 460 31.27 -2.33 45.10
CA LYS A 460 30.78 -2.50 46.46
C LYS A 460 30.69 -4.01 46.77
N PRO A 461 31.25 -4.48 47.91
CA PRO A 461 31.20 -5.91 48.21
C PRO A 461 29.82 -6.41 48.60
N LEU A 462 29.65 -7.73 48.65
CA LEU A 462 28.39 -8.36 49.00
C LEU A 462 28.25 -8.44 50.53
N PRO A 463 27.38 -7.62 51.16
CA PRO A 463 27.19 -7.74 52.62
C PRO A 463 26.34 -8.95 52.98
N ARG A 464 26.48 -9.41 54.23
CA ARG A 464 25.72 -10.54 54.77
C ARG A 464 24.48 -9.98 55.43
N PHE A 465 23.35 -10.69 55.30
CA PHE A 465 22.08 -10.27 55.87
C PHE A 465 21.50 -11.37 56.75
N PRO A 466 20.71 -10.99 57.77
CA PRO A 466 20.14 -12.01 58.67
C PRO A 466 19.00 -12.83 58.06
N LYS A 467 18.80 -14.03 58.62
CA LYS A 467 17.74 -14.92 58.18
C LYS A 467 16.38 -14.39 58.64
N LYS A 468 15.34 -14.64 57.83
CA LYS A 468 13.97 -14.22 58.12
C LYS A 468 13.01 -15.40 58.25
N TYR A 469 13.42 -16.62 57.86
CA TYR A 469 12.54 -17.79 57.92
C TYR A 469 12.95 -18.66 59.09
N SER A 470 11.99 -18.90 60.01
CA SER A 470 12.20 -19.69 61.21
C SER A 470 11.72 -21.15 61.01
N TYR A 471 11.70 -21.64 59.75
CA TYR A 471 11.24 -23.00 59.40
C TYR A 471 12.20 -23.60 58.35
N PRO A 472 12.19 -24.93 58.09
CA PRO A 472 13.14 -25.49 57.12
C PRO A 472 12.90 -24.99 55.69
N LEU A 473 13.99 -24.77 54.97
CA LEU A 473 14.00 -24.29 53.61
C LEU A 473 14.03 -25.42 52.58
N LYS A 474 14.43 -26.65 52.97
CA LYS A 474 14.48 -27.78 52.04
C LYS A 474 13.13 -28.03 51.42
N SER A 475 13.10 -28.16 50.09
CA SER A 475 11.86 -28.39 49.39
C SER A 475 11.47 -29.84 49.52
N PRO A 476 10.16 -30.12 49.56
CA PRO A 476 9.71 -31.52 49.53
C PRO A 476 9.78 -32.14 48.11
N GLY A 477 10.17 -31.37 47.09
CA GLY A 477 10.29 -31.83 45.71
C GLY A 477 9.05 -31.63 44.88
N VAL A 478 9.10 -32.13 43.62
CA VAL A 478 8.01 -32.01 42.65
C VAL A 478 7.39 -33.36 42.30
N ARG A 479 7.83 -34.48 42.91
CA ARG A 479 7.23 -35.79 42.69
C ARG A 479 6.00 -35.88 43.62
N PRO A 480 4.81 -36.28 43.12
CA PRO A 480 3.64 -36.36 43.99
C PRO A 480 3.58 -37.64 44.81
N GLU B 3 -2.96 38.56 -56.97
CA GLU B 3 -3.17 38.15 -58.37
C GLU B 3 -2.41 36.85 -58.66
N GLN B 4 -3.15 35.86 -59.15
CA GLN B 4 -2.60 34.54 -59.48
C GLN B 4 -1.74 34.58 -60.74
N MET B 5 -2.02 35.50 -61.69
CA MET B 5 -1.28 35.60 -62.94
C MET B 5 0.18 35.97 -62.69
N ARG B 6 0.49 36.76 -61.65
CA ARG B 6 1.87 37.12 -61.34
C ARG B 6 2.67 35.94 -60.77
N LEU B 7 1.99 34.98 -60.13
CA LEU B 7 2.62 33.78 -59.58
C LEU B 7 2.91 32.77 -60.70
N PRO B 8 3.84 31.81 -60.50
CA PRO B 8 4.07 30.81 -61.56
C PRO B 8 2.90 29.85 -61.71
N SER B 9 2.77 29.27 -62.89
CA SER B 9 1.71 28.31 -63.19
C SER B 9 1.92 27.01 -62.43
N ALA B 10 0.82 26.29 -62.20
CA ALA B 10 0.84 24.99 -61.54
C ALA B 10 1.57 23.91 -62.40
N ASP B 11 1.75 24.16 -63.72
CA ASP B 11 2.45 23.21 -64.60
C ASP B 11 3.99 23.26 -64.42
N VAL B 12 4.53 24.36 -63.88
CA VAL B 12 5.98 24.51 -63.67
C VAL B 12 6.36 24.74 -62.18
N TYR B 13 5.38 24.84 -61.26
CA TYR B 13 5.65 25.10 -59.83
C TYR B 13 4.42 24.73 -59.01
N ARG B 14 4.57 23.81 -58.07
CA ARG B 14 3.46 23.29 -57.26
C ARG B 14 3.02 24.12 -56.06
N PHE B 15 3.84 25.04 -55.56
CA PHE B 15 3.53 25.77 -54.33
C PHE B 15 2.78 27.07 -54.54
N ALA B 16 2.27 27.33 -55.74
CA ALA B 16 1.54 28.57 -56.02
C ALA B 16 0.05 28.35 -56.27
N GLU B 17 -0.48 27.11 -56.14
CA GLU B 17 -1.91 26.88 -56.35
C GLU B 17 -2.69 27.63 -55.29
N PRO B 18 -3.83 28.29 -55.60
CA PRO B 18 -4.53 29.06 -54.55
C PRO B 18 -5.05 28.22 -53.38
N ASP B 19 -5.22 28.89 -52.23
CA ASP B 19 -5.84 28.26 -51.08
C ASP B 19 -7.28 27.92 -51.39
N SER B 20 -7.79 26.86 -50.77
CA SER B 20 -9.15 26.39 -50.94
C SER B 20 -9.57 25.50 -49.76
N GLU B 21 -10.88 25.23 -49.63
CA GLU B 21 -11.36 24.32 -48.59
C GLU B 21 -10.82 22.87 -48.83
N GLU B 22 -10.38 22.54 -50.07
CA GLU B 22 -9.86 21.23 -50.44
C GLU B 22 -8.36 21.06 -50.17
N ASN B 23 -7.63 22.12 -49.74
CA ASN B 23 -6.18 21.98 -49.53
C ASN B 23 -5.64 22.62 -48.25
N ILE B 24 -6.41 23.51 -47.59
CA ILE B 24 -5.94 24.14 -46.34
C ILE B 24 -7.13 24.57 -45.49
N ILE B 25 -7.05 24.36 -44.17
CA ILE B 25 -8.06 24.76 -43.18
C ILE B 25 -7.34 25.47 -42.06
N PHE B 26 -7.92 26.56 -41.56
CA PHE B 26 -7.37 27.30 -40.43
C PHE B 26 -8.21 27.09 -39.17
N GLU B 27 -7.59 27.27 -37.98
CA GLU B 27 -8.26 27.13 -36.71
C GLU B 27 -9.18 28.34 -36.47
N GLY B 35 -2.58 37.89 -35.70
CA GLY B 35 -2.42 38.36 -37.07
C GLY B 35 -2.10 37.24 -38.02
N ILE B 36 -1.15 36.37 -37.64
CA ILE B 36 -0.75 35.21 -38.44
C ILE B 36 -1.83 34.12 -38.25
N PRO B 37 -2.46 33.59 -39.33
CA PRO B 37 -3.47 32.53 -39.12
C PRO B 37 -2.84 31.21 -38.67
N ILE B 38 -3.56 30.48 -37.83
CA ILE B 38 -3.10 29.20 -37.30
C ILE B 38 -3.66 28.08 -38.19
N ILE B 39 -2.77 27.24 -38.73
CA ILE B 39 -3.17 26.16 -39.61
C ILE B 39 -3.73 24.99 -38.81
N LYS B 40 -4.95 24.57 -39.17
CA LYS B 40 -5.61 23.41 -38.57
C LYS B 40 -5.26 22.15 -39.38
N ALA B 41 -5.32 22.26 -40.70
CA ALA B 41 -5.07 21.12 -41.58
C ALA B 41 -4.62 21.58 -42.97
N GLY B 42 -3.97 20.70 -43.70
CA GLY B 42 -3.60 20.98 -45.08
C GLY B 42 -2.88 19.85 -45.76
N THR B 43 -2.76 19.93 -47.08
CA THR B 43 -1.94 18.98 -47.85
C THR B 43 -0.48 19.29 -47.48
N VAL B 44 0.45 18.35 -47.66
CA VAL B 44 1.86 18.60 -47.31
C VAL B 44 2.40 19.78 -48.13
N ILE B 45 1.94 19.95 -49.38
CA ILE B 45 2.37 21.08 -50.23
C ILE B 45 1.98 22.41 -49.61
N LYS B 46 0.72 22.51 -49.14
CA LYS B 46 0.26 23.74 -48.49
C LYS B 46 0.95 23.98 -47.15
N LEU B 47 1.30 22.89 -46.43
CA LEU B 47 2.04 23.03 -45.18
C LEU B 47 3.45 23.58 -45.47
N ILE B 48 4.10 23.06 -46.54
CA ILE B 48 5.44 23.50 -46.93
C ILE B 48 5.38 24.99 -47.36
N GLU B 49 4.34 25.37 -48.14
CA GLU B 49 4.15 26.73 -48.60
C GLU B 49 4.07 27.71 -47.43
N ARG B 50 3.23 27.41 -46.45
CA ARG B 50 3.06 28.25 -45.27
C ARG B 50 4.26 28.20 -44.31
N LEU B 51 5.03 27.12 -44.35
CA LEU B 51 6.27 26.99 -43.56
C LEU B 51 7.33 27.98 -44.09
N THR B 52 7.27 28.31 -45.40
CA THR B 52 8.21 29.18 -46.07
C THR B 52 7.43 30.27 -46.83
N TYR B 53 6.48 30.92 -46.13
CA TYR B 53 5.58 31.89 -46.74
C TYR B 53 6.27 33.20 -47.09
N HIS B 54 5.94 33.78 -48.27
CA HIS B 54 6.53 35.03 -48.73
C HIS B 54 6.06 36.26 -47.96
N MET B 55 4.85 36.25 -47.40
CA MET B 55 4.30 37.40 -46.70
C MET B 55 4.88 37.63 -45.30
N TYR B 56 5.28 36.57 -44.59
CA TYR B 56 5.79 36.71 -43.23
C TYR B 56 6.47 35.46 -42.69
N ALA B 57 7.33 35.64 -41.67
CA ALA B 57 7.97 34.53 -41.00
C ALA B 57 6.96 34.00 -39.98
N ASP B 58 7.10 32.73 -39.62
CA ASP B 58 6.21 32.08 -38.68
C ASP B 58 7.03 31.12 -37.83
N PRO B 59 7.82 31.64 -36.88
CA PRO B 59 8.65 30.76 -36.04
C PRO B 59 7.91 29.70 -35.23
N ASN B 60 6.69 30.00 -34.77
CA ASN B 60 5.91 29.03 -34.00
C ASN B 60 5.60 27.81 -34.89
N PHE B 61 5.17 28.07 -36.13
CA PHE B 61 4.85 26.99 -37.05
C PHE B 61 6.12 26.21 -37.44
N VAL B 62 7.24 26.90 -37.69
CA VAL B 62 8.48 26.22 -38.08
C VAL B 62 8.94 25.23 -36.99
N ARG B 63 8.82 25.64 -35.72
CA ARG B 63 9.23 24.84 -34.59
C ARG B 63 8.30 23.64 -34.43
N THR B 64 6.99 23.87 -34.55
CA THR B 64 6.01 22.77 -34.44
C THR B 64 6.16 21.77 -35.60
N PHE B 65 6.31 22.30 -36.81
CA PHE B 65 6.47 21.49 -38.02
C PHE B 65 7.73 20.61 -37.92
N LEU B 66 8.88 21.20 -37.60
CA LEU B 66 10.13 20.45 -37.54
C LEU B 66 10.17 19.45 -36.37
N THR B 67 9.34 19.64 -35.34
CA THR B 67 9.23 18.70 -34.22
C THR B 67 8.36 17.49 -34.62
N THR B 68 7.30 17.73 -35.39
CA THR B 68 6.27 16.71 -35.68
C THR B 68 6.15 16.20 -37.13
N TYR B 69 6.97 16.69 -38.08
CA TYR B 69 6.79 16.32 -39.49
C TYR B 69 7.00 14.84 -39.81
N ARG B 70 7.83 14.15 -39.02
CA ARG B 70 8.11 12.74 -39.28
C ARG B 70 6.86 11.83 -39.13
N SER B 71 5.76 12.37 -38.55
CA SER B 71 4.48 11.66 -38.48
C SER B 71 3.66 11.78 -39.80
N PHE B 72 4.09 12.57 -40.78
CA PHE B 72 3.40 12.65 -42.08
C PHE B 72 4.32 12.81 -43.29
N CYS B 73 5.64 12.88 -43.07
CA CYS B 73 6.59 13.12 -44.15
C CYS B 73 7.95 12.60 -43.73
N LYS B 74 8.64 11.86 -44.59
CA LYS B 74 9.97 11.36 -44.26
C LYS B 74 11.01 12.49 -44.38
N PRO B 75 12.10 12.46 -43.58
CA PRO B 75 13.16 13.49 -43.73
C PRO B 75 13.65 13.71 -45.18
N GLN B 76 13.87 12.62 -45.94
CA GLN B 76 14.31 12.72 -47.35
C GLN B 76 13.27 13.44 -48.23
N GLU B 77 11.99 13.18 -47.98
CA GLU B 77 10.91 13.80 -48.71
C GLU B 77 10.79 15.29 -48.35
N LEU B 78 10.94 15.65 -47.07
CA LEU B 78 10.92 17.05 -46.65
C LEU B 78 12.04 17.84 -47.34
N LEU B 79 13.27 17.27 -47.39
CA LEU B 79 14.35 17.96 -48.03
C LEU B 79 14.08 18.18 -49.54
N SER B 80 13.54 17.18 -50.22
CA SER B 80 13.19 17.29 -51.64
C SER B 80 12.14 18.39 -51.83
N LEU B 81 11.14 18.43 -50.93
CA LEU B 81 10.07 19.40 -51.02
C LEU B 81 10.55 20.85 -50.79
N ILE B 82 11.43 21.09 -49.80
CA ILE B 82 11.90 22.47 -49.56
C ILE B 82 12.88 22.89 -50.67
N ILE B 83 13.62 21.96 -51.27
CA ILE B 83 14.48 22.29 -52.41
C ILE B 83 13.59 22.65 -53.62
N GLU B 84 12.48 21.93 -53.80
CA GLU B 84 11.52 22.18 -54.88
C GLU B 84 10.86 23.57 -54.68
N ARG B 85 10.55 23.91 -53.42
CA ARG B 85 9.98 25.18 -53.00
C ARG B 85 10.91 26.34 -53.37
N PHE B 86 12.22 26.14 -53.08
CA PHE B 86 13.29 27.11 -53.34
C PHE B 86 13.45 27.43 -54.81
N GLU B 87 13.29 26.43 -55.69
CA GLU B 87 13.50 26.58 -57.12
C GLU B 87 12.28 27.17 -57.80
N ILE B 88 12.13 28.50 -57.70
CA ILE B 88 10.99 29.21 -58.23
C ILE B 88 11.27 29.67 -59.64
N PRO B 89 10.45 29.31 -60.64
CA PRO B 89 10.66 29.84 -61.98
C PRO B 89 10.39 31.34 -62.04
N GLU B 90 11.16 32.05 -62.86
CA GLU B 90 10.98 33.48 -63.04
C GLU B 90 10.07 33.72 -64.22
N PRO B 91 9.31 34.83 -64.23
CA PRO B 91 8.43 35.09 -65.38
C PRO B 91 9.20 35.45 -66.65
N GLU B 92 8.61 35.16 -67.80
CA GLU B 92 9.20 35.52 -69.09
C GLU B 92 9.23 37.05 -69.24
N PRO B 93 10.14 37.60 -70.07
CA PRO B 93 10.11 39.04 -70.33
C PRO B 93 8.82 39.47 -71.00
N THR B 94 8.41 40.72 -70.78
CA THR B 94 7.22 41.26 -71.44
C THR B 94 7.52 41.43 -72.95
N GLU B 95 6.49 41.71 -73.77
CA GLU B 95 6.70 41.89 -75.21
C GLU B 95 7.70 43.03 -75.50
N ALA B 96 7.55 44.17 -74.80
CA ALA B 96 8.46 45.31 -75.02
C ALA B 96 9.88 44.96 -74.62
N ASP B 97 10.05 44.24 -73.52
CA ASP B 97 11.37 43.82 -73.07
C ASP B 97 11.99 42.75 -73.94
N ARG B 98 11.16 41.92 -74.58
CA ARG B 98 11.62 40.91 -75.55
C ARG B 98 12.26 41.66 -76.74
N ILE B 99 11.57 42.72 -77.23
CA ILE B 99 12.08 43.56 -78.32
C ILE B 99 13.39 44.22 -77.92
N ALA B 100 13.47 44.72 -76.67
CA ALA B 100 14.68 45.34 -76.13
C ALA B 100 15.86 44.33 -76.12
N ILE B 101 15.63 43.10 -75.59
CA ILE B 101 16.66 42.06 -75.50
C ILE B 101 17.16 41.67 -76.91
N GLU B 102 16.24 41.47 -77.88
CA GLU B 102 16.62 41.09 -79.24
C GLU B 102 17.37 42.21 -79.98
N ASN B 103 17.19 43.48 -79.56
CA ASN B 103 17.93 44.61 -80.11
C ASN B 103 19.29 44.85 -79.41
N GLY B 104 19.65 44.02 -78.43
CA GLY B 104 20.90 44.15 -77.70
C GLY B 104 20.88 45.16 -76.57
N ASP B 105 19.67 45.60 -76.15
CA ASP B 105 19.49 46.58 -75.09
C ASP B 105 19.03 45.93 -73.80
N GLN B 106 19.24 46.65 -72.69
CA GLN B 106 18.82 46.17 -71.39
C GLN B 106 17.32 46.31 -71.23
N PRO B 107 16.61 45.23 -70.86
CA PRO B 107 15.17 45.34 -70.64
C PRO B 107 14.84 46.09 -69.35
N LEU B 108 13.64 46.64 -69.26
CA LEU B 108 13.18 47.29 -68.05
C LEU B 108 12.98 46.26 -66.93
N SER B 109 12.42 45.08 -67.24
CA SER B 109 12.20 44.00 -66.28
C SER B 109 11.50 44.45 -64.97
N ALA B 110 10.48 45.32 -65.07
CA ALA B 110 9.80 45.83 -63.88
C ALA B 110 9.09 44.72 -63.05
N GLU B 111 8.34 43.84 -63.72
CA GLU B 111 7.62 42.79 -63.01
C GLU B 111 8.57 41.68 -62.55
N LEU B 112 9.60 41.37 -63.35
CA LEU B 112 10.60 40.38 -62.97
C LEU B 112 11.32 40.81 -61.67
N LYS B 113 11.75 42.05 -61.60
CA LYS B 113 12.43 42.60 -60.42
C LYS B 113 11.53 42.62 -59.18
N ARG B 114 10.26 42.99 -59.37
CA ARG B 114 9.29 43.01 -58.28
C ARG B 114 9.05 41.59 -57.80
N PHE B 115 8.86 40.65 -58.72
CA PHE B 115 8.65 39.25 -58.38
C PHE B 115 9.84 38.64 -57.62
N ARG B 116 11.06 38.95 -58.04
CA ARG B 116 12.26 38.47 -57.37
C ARG B 116 12.35 39.02 -55.95
N LYS B 117 11.99 40.30 -55.75
CA LYS B 117 12.13 40.96 -54.46
C LYS B 117 10.99 40.61 -53.50
N GLU B 118 9.76 40.56 -53.98
CA GLU B 118 8.60 40.34 -53.16
C GLU B 118 8.20 38.88 -53.01
N TYR B 119 8.71 37.96 -53.87
CA TYR B 119 8.36 36.53 -53.78
C TYR B 119 9.58 35.58 -53.71
N ILE B 120 10.44 35.58 -54.75
CA ILE B 120 11.57 34.65 -54.80
C ILE B 120 12.51 34.81 -53.59
N GLN B 121 13.04 36.01 -53.36
CA GLN B 121 13.99 36.22 -52.28
C GLN B 121 13.37 35.88 -50.88
N PRO B 122 12.16 36.38 -50.53
CA PRO B 122 11.54 35.97 -49.26
C PRO B 122 11.34 34.46 -49.12
N VAL B 123 10.83 33.76 -50.16
CA VAL B 123 10.58 32.31 -50.07
C VAL B 123 11.92 31.58 -49.90
N GLN B 124 12.92 31.93 -50.70
CA GLN B 124 14.23 31.30 -50.62
C GLN B 124 14.91 31.52 -49.24
N LEU B 125 14.84 32.74 -48.69
CA LEU B 125 15.37 33.00 -47.34
C LEU B 125 14.57 32.20 -46.30
N ARG B 126 13.24 32.04 -46.50
CA ARG B 126 12.43 31.24 -45.58
C ARG B 126 12.82 29.75 -45.64
N VAL B 127 13.18 29.23 -46.84
CA VAL B 127 13.65 27.85 -46.99
C VAL B 127 14.98 27.70 -46.23
N LEU B 128 15.89 28.66 -46.37
CA LEU B 128 17.16 28.62 -45.67
C LEU B 128 16.99 28.67 -44.14
N ASN B 129 15.96 29.39 -43.66
CA ASN B 129 15.63 29.45 -42.24
C ASN B 129 15.13 28.08 -41.72
N VAL B 130 14.40 27.34 -42.56
CA VAL B 130 13.96 25.99 -42.19
C VAL B 130 15.19 25.08 -42.09
N CYS B 131 16.10 25.16 -43.08
CA CYS B 131 17.35 24.40 -43.09
C CYS B 131 18.15 24.65 -41.80
N ARG B 132 18.24 25.93 -41.40
CA ARG B 132 18.96 26.32 -40.20
C ARG B 132 18.33 25.76 -38.93
N HIS B 133 17.01 25.90 -38.79
CA HIS B 133 16.29 25.38 -37.64
C HIS B 133 16.39 23.83 -37.57
N TRP B 134 16.32 23.20 -38.74
CA TRP B 134 16.44 21.75 -38.93
C TRP B 134 17.80 21.24 -38.41
N VAL B 135 18.92 21.84 -38.81
CA VAL B 135 20.25 21.38 -38.38
C VAL B 135 20.57 21.78 -36.92
N GLU B 136 20.00 22.87 -36.42
CA GLU B 136 20.23 23.31 -35.04
C GLU B 136 19.46 22.47 -34.02
N HIS B 137 18.16 22.27 -34.23
CA HIS B 137 17.32 21.59 -33.24
C HIS B 137 17.02 20.14 -33.54
N HIS B 138 17.35 19.63 -34.75
CA HIS B 138 17.05 18.26 -35.13
C HIS B 138 18.18 17.61 -35.91
N PHE B 139 19.43 17.86 -35.49
CA PHE B 139 20.59 17.30 -36.19
C PHE B 139 20.60 15.78 -36.21
N TYR B 140 19.90 15.12 -35.26
CA TYR B 140 19.80 13.66 -35.22
C TYR B 140 19.27 13.08 -36.54
N ASP B 141 18.47 13.85 -37.31
CA ASP B 141 17.97 13.40 -38.61
C ASP B 141 19.13 13.14 -39.58
N PHE B 142 20.16 13.99 -39.50
CA PHE B 142 21.38 13.94 -40.30
C PHE B 142 22.40 12.92 -39.75
N GLU B 143 22.43 12.67 -38.43
CA GLU B 143 23.29 11.65 -37.82
C GLU B 143 22.77 10.25 -38.16
N ARG B 144 21.44 10.08 -38.18
CA ARG B 144 20.81 8.81 -38.55
C ARG B 144 20.85 8.56 -40.07
N ASP B 145 21.01 9.61 -40.90
CA ASP B 145 21.03 9.47 -42.35
C ASP B 145 22.13 10.36 -42.97
N ALA B 146 23.30 9.77 -43.22
CA ALA B 146 24.43 10.50 -43.81
C ALA B 146 24.11 11.02 -45.23
N TYR B 147 23.31 10.27 -45.97
CA TYR B 147 22.92 10.64 -47.33
C TYR B 147 22.09 11.94 -47.29
N LEU B 148 21.19 12.08 -46.30
CA LEU B 148 20.38 13.28 -46.11
C LEU B 148 21.30 14.51 -45.90
N LEU B 149 22.36 14.35 -45.10
CA LEU B 149 23.31 15.43 -44.84
C LEU B 149 24.08 15.79 -46.09
N GLN B 150 24.48 14.78 -46.88
CA GLN B 150 25.18 15.01 -48.14
C GLN B 150 24.33 15.85 -49.08
N ARG B 151 23.04 15.54 -49.16
CA ARG B 151 22.12 16.29 -50.02
C ARG B 151 21.95 17.73 -49.52
N MET B 152 21.89 17.91 -48.19
CA MET B 152 21.74 19.21 -47.55
C MET B 152 22.98 20.07 -47.81
N GLU B 153 24.18 19.50 -47.62
CA GLU B 153 25.44 20.21 -47.82
C GLU B 153 25.66 20.55 -49.30
N GLU B 154 25.20 19.67 -50.22
CA GLU B 154 25.29 19.95 -51.66
C GLU B 154 24.34 21.09 -52.01
N PHE B 155 23.11 21.06 -51.48
CA PHE B 155 22.14 22.12 -51.74
C PHE B 155 22.63 23.47 -51.20
N ILE B 156 22.95 23.53 -49.91
CA ILE B 156 23.49 24.73 -49.27
C ILE B 156 24.75 25.27 -50.00
N GLY B 157 25.66 24.36 -50.35
CA GLY B 157 26.89 24.70 -51.04
C GLY B 157 26.74 25.24 -52.46
N THR B 158 25.57 25.03 -53.11
CA THR B 158 25.34 25.55 -54.46
C THR B 158 24.45 26.80 -54.48
N VAL B 159 24.01 27.30 -53.32
CA VAL B 159 23.16 28.48 -53.22
C VAL B 159 23.99 29.72 -53.58
N ARG B 160 23.48 30.58 -54.49
CA ARG B 160 24.18 31.79 -54.92
C ARG B 160 23.35 33.06 -54.63
N GLY B 161 24.00 34.07 -54.05
CA GLY B 161 23.34 35.33 -53.73
C GLY B 161 24.02 36.09 -52.61
N LYS B 162 23.96 37.43 -52.66
CA LYS B 162 24.55 38.28 -51.62
C LYS B 162 23.75 38.10 -50.33
N ALA B 163 22.41 38.15 -50.42
CA ALA B 163 21.52 37.97 -49.26
C ALA B 163 21.54 36.55 -48.70
N MET B 164 21.87 35.56 -49.53
CA MET B 164 21.87 34.15 -49.13
C MET B 164 23.16 33.77 -48.39
N LYS B 165 24.29 34.43 -48.76
CA LYS B 165 25.64 34.21 -48.23
C LYS B 165 25.70 34.06 -46.69
N LYS B 166 25.12 35.01 -45.94
CA LYS B 166 25.14 34.96 -44.49
C LYS B 166 24.35 33.74 -43.96
N TRP B 167 23.22 33.40 -44.60
CA TRP B 167 22.44 32.23 -44.21
C TRP B 167 23.21 30.94 -44.46
N VAL B 168 23.85 30.82 -45.63
CA VAL B 168 24.64 29.64 -45.97
C VAL B 168 25.77 29.42 -44.93
N GLU B 169 26.45 30.50 -44.53
CA GLU B 169 27.53 30.40 -43.56
C GLU B 169 27.02 29.96 -42.17
N SER B 170 25.89 30.51 -41.69
CA SER B 170 25.37 30.12 -40.37
C SER B 170 24.94 28.66 -40.37
N ILE B 171 24.34 28.18 -41.48
CA ILE B 171 23.93 26.78 -41.58
C ILE B 171 25.19 25.88 -41.55
N THR B 172 26.21 26.22 -42.33
CA THR B 172 27.46 25.45 -42.32
C THR B 172 28.12 25.46 -40.93
N LYS B 173 28.13 26.62 -40.26
CA LYS B 173 28.70 26.76 -38.90
C LYS B 173 28.01 25.80 -37.92
N ILE B 174 26.68 25.74 -37.95
CA ILE B 174 25.91 24.86 -37.07
C ILE B 174 26.23 23.40 -37.39
N ILE B 175 26.18 23.00 -38.68
CA ILE B 175 26.46 21.61 -39.07
C ILE B 175 27.85 21.17 -38.57
N GLN B 176 28.86 22.03 -38.74
CA GLN B 176 30.20 21.70 -38.29
C GLN B 176 30.28 21.61 -36.76
N ARG B 177 29.61 22.54 -36.06
CA ARG B 177 29.58 22.51 -34.59
C ARG B 177 28.91 21.23 -34.07
N LYS B 178 27.88 20.73 -34.79
CA LYS B 178 27.18 19.50 -34.40
C LYS B 178 28.05 18.26 -34.64
N LYS B 179 28.80 18.24 -35.76
CA LYS B 179 29.71 17.14 -36.05
C LYS B 179 30.81 17.06 -34.99
N ILE B 180 31.34 18.22 -34.56
CA ILE B 180 32.40 18.30 -33.55
C ILE B 180 31.88 17.79 -32.20
N ALA B 181 30.62 18.15 -31.85
CA ALA B 181 30.02 17.75 -30.59
C ALA B 181 30.06 16.22 -30.37
N ARG B 182 29.57 15.42 -31.34
CA ARG B 182 29.58 13.94 -31.23
C ARG B 182 30.97 13.34 -31.35
N THR B 191 29.60 23.40 -14.30
CA THR B 191 30.20 23.81 -13.02
C THR B 191 29.16 24.50 -12.13
N PHE B 192 29.02 24.02 -10.87
CA PHE B 192 28.06 24.58 -9.91
C PHE B 192 28.70 25.59 -8.97
N GLN B 193 27.87 26.49 -8.39
CA GLN B 193 28.32 27.52 -7.45
C GLN B 193 28.77 26.90 -6.12
N SER B 194 28.10 25.84 -5.68
CA SER B 194 28.41 25.18 -4.41
C SER B 194 28.95 23.78 -4.62
N SER B 195 29.73 23.29 -3.63
CA SER B 195 30.26 21.93 -3.69
C SER B 195 29.11 20.94 -3.42
N PRO B 196 29.09 19.75 -4.05
CA PRO B 196 28.02 18.79 -3.76
C PRO B 196 28.20 18.14 -2.37
N PRO B 197 27.13 17.52 -1.80
CA PRO B 197 27.28 16.88 -0.49
C PRO B 197 28.16 15.64 -0.51
N THR B 198 28.68 15.27 0.67
CA THR B 198 29.54 14.09 0.83
C THR B 198 28.76 12.82 0.44
N VAL B 199 29.40 11.95 -0.35
CA VAL B 199 28.82 10.68 -0.78
C VAL B 199 28.63 9.81 0.45
N GLU B 200 27.41 9.25 0.61
CA GLU B 200 27.05 8.44 1.76
C GLU B 200 27.31 6.95 1.54
N TRP B 201 27.91 6.29 2.54
CA TRP B 201 28.17 4.86 2.54
C TRP B 201 27.53 4.23 3.76
N HIS B 202 27.12 2.97 3.64
CA HIS B 202 26.48 2.24 4.74
C HIS B 202 27.27 0.94 5.05
N ILE B 203 26.90 -0.25 4.53
CA ILE B 203 27.64 -1.49 4.82
C ILE B 203 28.71 -1.69 3.73
N SER B 204 28.30 -1.61 2.45
CA SER B 204 29.21 -1.76 1.31
C SER B 204 30.25 -0.65 1.35
N ARG B 205 31.50 -0.99 1.12
CA ARG B 205 32.59 -0.02 1.11
C ARG B 205 32.83 0.49 -0.28
N PRO B 206 33.36 1.73 -0.45
CA PRO B 206 33.70 2.19 -1.80
C PRO B 206 34.59 1.19 -2.54
N GLY B 207 34.24 0.88 -3.78
CA GLY B 207 34.98 -0.06 -4.61
C GLY B 207 34.58 -1.51 -4.49
N HIS B 208 33.86 -1.90 -3.40
CA HIS B 208 33.46 -3.30 -3.24
C HIS B 208 32.12 -3.55 -3.90
N ILE B 209 32.12 -3.39 -5.24
CA ILE B 209 30.95 -3.51 -6.10
C ILE B 209 30.20 -4.83 -5.94
N GLU B 210 30.93 -5.90 -5.60
CA GLU B 210 30.38 -7.24 -5.42
C GLU B 210 29.32 -7.27 -4.33
N THR B 211 29.48 -6.46 -3.28
CA THR B 211 28.52 -6.42 -2.17
C THR B 211 27.37 -5.43 -2.37
N PHE B 212 27.42 -4.57 -3.39
CA PHE B 212 26.37 -3.58 -3.62
C PHE B 212 24.98 -4.22 -3.74
N ASP B 213 24.03 -3.71 -2.99
CA ASP B 213 22.66 -4.22 -3.00
C ASP B 213 21.71 -3.20 -2.33
N LEU B 214 20.40 -3.49 -2.30
CA LEU B 214 19.41 -2.58 -1.78
C LEU B 214 19.65 -2.15 -0.34
N LEU B 215 20.01 -3.09 0.52
CA LEU B 215 20.23 -2.81 1.94
C LEU B 215 21.66 -2.48 2.33
N THR B 216 22.65 -2.73 1.48
CA THR B 216 24.05 -2.50 1.81
C THR B 216 24.55 -1.10 1.40
N LEU B 217 23.99 -0.55 0.31
CA LEU B 217 24.28 0.80 -0.10
C LEU B 217 23.46 1.75 0.80
N HIS B 218 23.92 2.99 0.99
CA HIS B 218 23.20 3.92 1.85
C HIS B 218 21.90 4.36 1.12
N PRO B 219 20.70 4.34 1.76
CA PRO B 219 19.49 4.75 1.04
C PRO B 219 19.57 6.15 0.44
N ILE B 220 20.27 7.08 1.09
CA ILE B 220 20.42 8.44 0.56
C ILE B 220 21.16 8.38 -0.77
N GLU B 221 22.23 7.59 -0.82
CA GLU B 221 23.07 7.52 -2.02
C GLU B 221 22.42 6.77 -3.16
N ILE B 222 21.58 5.79 -2.86
CA ILE B 222 20.79 5.08 -3.89
C ILE B 222 19.87 6.10 -4.58
N ALA B 223 19.16 6.89 -3.78
CA ALA B 223 18.28 7.91 -4.32
C ALA B 223 19.05 8.99 -5.08
N ARG B 224 20.20 9.45 -4.56
CA ARG B 224 20.98 10.46 -5.28
C ARG B 224 21.48 9.94 -6.63
N GLN B 225 22.04 8.73 -6.66
CA GLN B 225 22.58 8.17 -7.89
C GLN B 225 21.49 7.80 -8.89
N LEU B 226 20.34 7.34 -8.40
CA LEU B 226 19.22 7.05 -9.28
C LEU B 226 18.65 8.37 -9.83
N THR B 227 18.65 9.45 -9.02
CA THR B 227 18.16 10.77 -9.46
C THR B 227 19.06 11.36 -10.55
N LEU B 228 20.40 11.20 -10.42
CA LEU B 228 21.31 11.66 -11.45
C LEU B 228 21.11 10.83 -12.73
N LEU B 229 21.02 9.51 -12.58
CA LEU B 229 20.79 8.59 -13.72
C LEU B 229 19.50 8.96 -14.47
N GLU B 230 18.39 9.14 -13.75
CA GLU B 230 17.09 9.46 -14.31
C GLU B 230 17.05 10.87 -14.86
N SER B 231 17.75 11.82 -14.23
CA SER B 231 17.83 13.19 -14.72
C SER B 231 18.47 13.20 -16.11
N ASP B 232 19.59 12.48 -16.27
CA ASP B 232 20.29 12.34 -17.54
C ASP B 232 19.41 11.66 -18.59
N LEU B 233 18.64 10.65 -18.19
CA LEU B 233 17.77 9.95 -19.13
C LEU B 233 16.64 10.87 -19.60
N TYR B 234 16.05 11.62 -18.66
CA TYR B 234 14.97 12.57 -18.95
C TYR B 234 15.44 13.64 -19.95
N ARG B 235 16.60 14.24 -19.66
CA ARG B 235 17.18 15.30 -20.48
C ARG B 235 17.58 14.86 -21.88
N ALA B 236 17.88 13.58 -22.10
CA ALA B 236 18.26 13.08 -23.41
C ALA B 236 17.10 12.84 -24.35
N VAL B 237 15.86 12.75 -23.84
CA VAL B 237 14.70 12.49 -24.71
C VAL B 237 14.38 13.70 -25.58
N GLN B 238 14.38 13.53 -26.90
CA GLN B 238 14.03 14.60 -27.83
C GLN B 238 12.51 14.55 -28.09
N PRO B 239 11.83 15.71 -28.19
CA PRO B 239 10.36 15.69 -28.46
C PRO B 239 9.85 14.77 -29.59
N SER B 240 10.60 14.65 -30.71
CA SER B 240 10.17 13.82 -31.84
C SER B 240 10.16 12.31 -31.55
N GLU B 241 10.84 11.88 -30.48
CA GLU B 241 10.81 10.48 -30.06
C GLU B 241 9.37 10.07 -29.57
N LEU B 242 8.54 11.04 -29.21
CA LEU B 242 7.17 10.82 -28.75
C LEU B 242 6.10 11.09 -29.81
N VAL B 243 6.43 11.77 -30.90
CA VAL B 243 5.46 12.11 -31.93
C VAL B 243 5.08 10.89 -32.79
N GLY B 244 3.80 10.77 -33.12
CA GLY B 244 3.29 9.66 -33.92
C GLY B 244 3.44 8.31 -33.25
N SER B 245 3.59 8.30 -31.90
CA SER B 245 3.79 7.08 -31.09
C SER B 245 4.91 6.21 -31.65
N VAL B 246 6.00 6.85 -32.17
CA VAL B 246 7.09 6.11 -32.82
C VAL B 246 7.80 5.13 -31.90
N TRP B 247 7.68 5.28 -30.57
CA TRP B 247 8.33 4.35 -29.65
C TRP B 247 7.57 2.99 -29.58
N THR B 248 6.32 2.92 -30.10
CA THR B 248 5.52 1.70 -30.13
C THR B 248 5.53 1.00 -31.53
N LYS B 249 6.07 1.64 -32.59
CA LYS B 249 6.10 1.03 -33.92
C LYS B 249 7.49 0.40 -34.26
N GLU B 250 7.67 -0.18 -35.48
CA GLU B 250 8.88 -0.92 -35.86
C GLU B 250 10.22 -0.21 -35.62
N ASP B 251 10.41 0.99 -36.19
CA ASP B 251 11.69 1.69 -36.10
C ASP B 251 11.93 2.38 -34.75
N LYS B 252 11.24 1.94 -33.68
CA LYS B 252 11.38 2.51 -32.33
C LYS B 252 12.81 2.64 -31.83
N GLU B 253 13.67 1.66 -32.14
CA GLU B 253 15.06 1.68 -31.70
C GLU B 253 15.86 2.82 -32.33
N ILE B 254 15.50 3.23 -33.55
CA ILE B 254 16.21 4.32 -34.22
C ILE B 254 15.51 5.67 -33.97
N ASN B 255 14.18 5.70 -34.00
CA ASN B 255 13.41 6.93 -33.83
C ASN B 255 13.27 7.40 -32.38
N SER B 256 13.27 6.45 -31.42
CA SER B 256 13.08 6.79 -30.01
C SER B 256 14.11 6.08 -29.09
N PRO B 257 15.44 6.21 -29.33
CA PRO B 257 16.42 5.48 -28.49
C PRO B 257 16.52 5.94 -27.04
N ASN B 258 16.36 7.23 -26.80
CA ASN B 258 16.47 7.80 -25.47
C ASN B 258 15.19 7.57 -24.66
N LEU B 259 14.04 7.63 -25.31
CA LEU B 259 12.77 7.37 -24.65
C LEU B 259 12.72 5.91 -24.21
N LEU B 260 13.11 4.99 -25.09
CA LEU B 260 13.12 3.56 -24.78
C LEU B 260 14.06 3.26 -23.62
N LYS B 261 15.20 3.95 -23.56
CA LYS B 261 16.17 3.76 -22.48
C LYS B 261 15.55 4.22 -21.13
N MET B 262 14.76 5.30 -21.16
CA MET B 262 14.04 5.82 -19.98
C MET B 262 12.95 4.80 -19.54
N ILE B 263 12.17 4.26 -20.49
CA ILE B 263 11.12 3.26 -20.22
C ILE B 263 11.73 1.97 -19.64
N ARG B 264 12.80 1.49 -20.27
CA ARG B 264 13.46 0.27 -19.83
C ARG B 264 14.08 0.44 -18.44
N HIS B 265 14.60 1.62 -18.12
CA HIS B 265 15.11 1.91 -16.78
C HIS B 265 13.97 1.84 -15.76
N THR B 266 12.85 2.48 -16.06
CA THR B 266 11.71 2.52 -15.14
C THR B 266 11.17 1.10 -14.90
N THR B 267 11.08 0.30 -15.97
CA THR B 267 10.63 -1.08 -15.86
C THR B 267 11.65 -1.87 -15.00
N ASN B 268 12.95 -1.75 -15.28
CA ASN B 268 13.97 -2.50 -14.54
C ASN B 268 14.05 -2.10 -13.07
N LEU B 269 13.95 -0.79 -12.77
CA LEU B 269 14.01 -0.34 -11.40
C LEU B 269 12.76 -0.78 -10.61
N THR B 270 11.57 -0.57 -11.18
CA THR B 270 10.31 -0.96 -10.52
C THR B 270 10.29 -2.47 -10.24
N LEU B 271 10.60 -3.30 -11.25
CA LEU B 271 10.60 -4.74 -11.10
C LEU B 271 11.69 -5.21 -10.13
N TRP B 272 12.82 -4.50 -10.08
CA TRP B 272 13.89 -4.81 -9.13
C TRP B 272 13.40 -4.58 -7.69
N PHE B 273 12.69 -3.47 -7.42
CA PHE B 273 12.13 -3.22 -6.09
C PHE B 273 11.15 -4.34 -5.71
N GLU B 274 10.28 -4.75 -6.64
CA GLU B 274 9.34 -5.85 -6.42
C GLU B 274 10.08 -7.16 -6.14
N LYS B 275 11.16 -7.43 -6.89
CA LYS B 275 11.98 -8.64 -6.77
C LYS B 275 12.63 -8.70 -5.38
N CYS B 276 13.24 -7.57 -4.93
CA CYS B 276 13.86 -7.46 -3.60
C CYS B 276 12.84 -7.78 -2.51
N ILE B 277 11.61 -7.28 -2.67
CA ILE B 277 10.52 -7.49 -1.72
C ILE B 277 10.07 -8.97 -1.68
N VAL B 278 9.55 -9.53 -2.80
CA VAL B 278 8.97 -10.88 -2.78
C VAL B 278 10.02 -11.99 -2.64
N GLU B 279 11.27 -11.77 -3.07
CA GLU B 279 12.33 -12.77 -2.87
C GLU B 279 12.93 -12.71 -1.47
N THR B 280 12.45 -11.80 -0.59
CA THR B 280 12.84 -11.79 0.81
C THR B 280 11.71 -12.51 1.52
N GLU B 281 11.85 -13.84 1.72
CA GLU B 281 10.80 -14.68 2.30
C GLU B 281 10.57 -14.48 3.80
N ASN B 282 11.60 -14.12 4.57
CA ASN B 282 11.44 -13.90 6.01
C ASN B 282 10.67 -12.60 6.21
N LEU B 283 9.53 -12.67 6.90
CA LEU B 283 8.67 -11.50 7.11
C LEU B 283 9.41 -10.27 7.66
N GLU B 284 10.16 -10.42 8.75
CA GLU B 284 10.89 -9.33 9.40
C GLU B 284 11.88 -8.67 8.45
N GLU B 285 12.58 -9.49 7.66
CA GLU B 285 13.54 -8.98 6.69
C GLU B 285 12.83 -8.25 5.56
N ARG B 286 11.66 -8.77 5.11
CA ARG B 286 10.91 -8.15 4.02
C ARG B 286 10.38 -6.78 4.48
N VAL B 287 9.99 -6.66 5.76
CA VAL B 287 9.56 -5.38 6.34
C VAL B 287 10.75 -4.37 6.26
N ALA B 288 11.97 -4.81 6.57
CA ALA B 288 13.18 -3.97 6.46
C ALA B 288 13.41 -3.51 4.99
N VAL B 289 13.23 -4.41 4.01
CA VAL B 289 13.35 -4.12 2.58
C VAL B 289 12.31 -3.03 2.17
N VAL B 290 11.01 -3.27 2.46
CA VAL B 290 9.92 -2.33 2.13
C VAL B 290 10.19 -0.96 2.79
N SER B 291 10.53 -0.97 4.08
N SER B 291 10.54 -0.96 4.10
CA SER B 291 10.85 0.26 4.81
CA SER B 291 10.86 0.27 4.82
C SER B 291 12.01 1.03 4.17
C SER B 291 12.00 1.03 4.16
N ARG B 292 13.02 0.32 3.66
CA ARG B 292 14.17 0.95 3.01
C ARG B 292 13.75 1.59 1.70
N ILE B 293 12.85 0.93 0.93
CA ILE B 293 12.40 1.48 -0.33
C ILE B 293 11.56 2.75 -0.07
N ILE B 294 10.77 2.80 1.04
CA ILE B 294 10.02 4.02 1.38
C ILE B 294 11.02 5.13 1.76
N GLU B 295 12.13 4.80 2.43
CA GLU B 295 13.16 5.81 2.75
C GLU B 295 13.78 6.34 1.46
N ILE B 296 13.99 5.47 0.46
CA ILE B 296 14.51 5.89 -0.84
C ILE B 296 13.51 6.88 -1.48
N LEU B 297 12.20 6.58 -1.39
CA LEU B 297 11.15 7.49 -1.88
C LEU B 297 11.21 8.84 -1.13
N GLN B 298 11.45 8.82 0.18
CA GLN B 298 11.56 10.05 0.97
C GLN B 298 12.68 10.95 0.46
N VAL B 299 13.82 10.36 0.05
CA VAL B 299 14.95 11.15 -0.49
C VAL B 299 14.63 11.62 -1.92
N PHE B 300 13.88 10.81 -2.71
CA PHE B 300 13.43 11.25 -4.03
C PHE B 300 12.54 12.51 -3.89
N GLN B 301 11.67 12.53 -2.86
CA GLN B 301 10.81 13.69 -2.56
C GLN B 301 11.68 14.92 -2.25
N GLU B 302 12.70 14.74 -1.40
CA GLU B 302 13.63 15.82 -1.03
C GLU B 302 14.33 16.36 -2.27
N LEU B 303 14.69 15.48 -3.21
CA LEU B 303 15.36 15.87 -4.45
C LEU B 303 14.39 16.27 -5.57
N ASN B 304 13.07 16.25 -5.33
CA ASN B 304 12.08 16.54 -6.36
C ASN B 304 12.22 15.63 -7.57
N ASN B 305 12.60 14.36 -7.32
CA ASN B 305 12.63 13.37 -8.36
C ASN B 305 11.27 12.68 -8.30
N PHE B 306 10.27 13.28 -8.94
CA PHE B 306 8.90 12.74 -9.01
C PHE B 306 8.83 11.45 -9.82
N ASN B 307 9.77 11.29 -10.77
CA ASN B 307 9.86 10.07 -11.55
C ASN B 307 10.20 8.88 -10.61
N GLY B 308 11.15 9.09 -9.72
CA GLY B 308 11.58 8.10 -8.74
C GLY B 308 10.50 7.80 -7.70
N VAL B 309 9.82 8.83 -7.20
CA VAL B 309 8.72 8.69 -6.22
C VAL B 309 7.64 7.79 -6.83
N LEU B 310 7.24 8.07 -8.08
CA LEU B 310 6.19 7.31 -8.73
C LEU B 310 6.68 5.92 -9.21
N GLU B 311 7.97 5.67 -9.31
CA GLU B 311 8.51 4.32 -9.56
C GLU B 311 8.32 3.45 -8.32
N VAL B 312 8.56 4.03 -7.13
CA VAL B 312 8.37 3.31 -5.86
C VAL B 312 6.86 3.06 -5.66
N VAL B 313 5.99 4.04 -6.01
CA VAL B 313 4.54 3.89 -5.87
C VAL B 313 4.06 2.73 -6.74
N SER B 314 4.57 2.66 -7.98
CA SER B 314 4.25 1.59 -8.92
C SER B 314 4.65 0.22 -8.33
N ALA B 315 5.84 0.12 -7.77
CA ALA B 315 6.31 -1.12 -7.14
C ALA B 315 5.43 -1.54 -5.94
N MET B 316 5.04 -0.57 -5.11
CA MET B 316 4.21 -0.83 -3.94
C MET B 316 2.74 -1.13 -4.29
N ASN B 317 2.27 -0.63 -5.42
CA ASN B 317 0.93 -0.90 -5.94
C ASN B 317 0.84 -2.12 -6.85
N SER B 318 1.97 -2.72 -7.22
CA SER B 318 1.98 -3.92 -8.06
C SER B 318 1.26 -5.08 -7.40
N SER B 319 0.68 -5.98 -8.21
CA SER B 319 -0.06 -7.16 -7.70
C SER B 319 0.74 -8.00 -6.67
N PRO B 320 2.05 -8.28 -6.87
CA PRO B 320 2.79 -9.07 -5.86
C PRO B 320 3.03 -8.36 -4.53
N VAL B 321 3.19 -7.03 -4.54
CA VAL B 321 3.53 -6.28 -3.34
C VAL B 321 2.30 -5.76 -2.59
N TYR B 322 1.36 -5.15 -3.31
CA TYR B 322 0.19 -4.51 -2.71
C TYR B 322 -0.62 -5.45 -1.82
N ARG B 323 -0.62 -6.75 -2.15
CA ARG B 323 -1.36 -7.76 -1.39
C ARG B 323 -0.64 -8.26 -0.13
N LEU B 324 0.57 -7.75 0.18
CA LEU B 324 1.33 -8.23 1.34
C LEU B 324 0.90 -7.56 2.63
N ASP B 325 -0.30 -7.89 3.09
CA ASP B 325 -0.91 -7.32 4.30
C ASP B 325 -0.10 -7.53 5.60
N HIS B 326 0.59 -8.67 5.74
CA HIS B 326 1.40 -8.97 6.92
C HIS B 326 2.66 -8.10 6.96
N THR B 327 3.19 -7.69 5.78
CA THR B 327 4.39 -6.86 5.69
C THR B 327 4.01 -5.40 6.01
N PHE B 328 3.00 -4.83 5.33
CA PHE B 328 2.60 -3.44 5.57
C PHE B 328 2.04 -3.20 6.96
N GLU B 329 1.51 -4.24 7.62
CA GLU B 329 1.04 -4.13 9.01
C GLU B 329 2.19 -3.72 9.94
N GLN B 330 3.41 -4.21 9.69
CA GLN B 330 4.59 -3.87 10.50
C GLN B 330 5.30 -2.59 10.07
N ILE B 331 4.90 -1.97 8.95
CA ILE B 331 5.52 -0.74 8.49
C ILE B 331 5.05 0.40 9.37
N PRO B 332 5.96 1.23 9.95
CA PRO B 332 5.47 2.35 10.79
C PRO B 332 4.45 3.23 10.10
N SER B 333 3.43 3.66 10.86
CA SER B 333 2.35 4.52 10.35
C SER B 333 2.84 5.73 9.56
N ARG B 334 3.93 6.36 10.02
CA ARG B 334 4.49 7.51 9.33
C ARG B 334 4.95 7.16 7.92
N GLN B 335 5.62 6.01 7.73
CA GLN B 335 6.05 5.58 6.41
C GLN B 335 4.86 5.21 5.53
N LYS B 336 3.81 4.59 6.13
CA LYS B 336 2.61 4.27 5.38
C LYS B 336 1.92 5.55 4.88
N LYS B 337 1.86 6.61 5.71
CA LYS B 337 1.24 7.87 5.30
C LYS B 337 2.01 8.54 4.17
N ILE B 338 3.36 8.46 4.23
CA ILE B 338 4.21 9.00 3.17
C ILE B 338 3.90 8.29 1.84
N LEU B 339 3.76 6.97 1.90
CA LEU B 339 3.43 6.17 0.71
C LEU B 339 2.02 6.47 0.18
N GLU B 340 1.04 6.63 1.10
CA GLU B 340 -0.33 6.96 0.73
C GLU B 340 -0.41 8.33 0.06
N GLU B 341 0.31 9.34 0.58
CA GLU B 341 0.32 10.66 -0.04
C GLU B 341 1.04 10.65 -1.40
N ALA B 342 2.05 9.80 -1.57
CA ALA B 342 2.74 9.66 -2.85
C ALA B 342 1.74 9.06 -3.87
N HIS B 343 0.93 8.07 -3.45
CA HIS B 343 -0.11 7.52 -4.33
C HIS B 343 -1.10 8.61 -4.75
N GLU B 344 -1.57 9.43 -3.79
CA GLU B 344 -2.52 10.51 -4.05
C GLU B 344 -2.01 11.55 -5.05
N LEU B 345 -0.71 11.57 -5.35
CA LEU B 345 -0.16 12.40 -6.41
C LEU B 345 -0.80 11.99 -7.78
N SER B 346 -1.13 10.70 -7.94
CA SER B 346 -1.66 10.11 -9.17
C SER B 346 -3.18 10.17 -9.33
N GLU B 347 -3.93 10.41 -8.25
CA GLU B 347 -5.39 10.43 -8.31
C GLU B 347 -5.92 11.71 -9.00
N ASP B 348 -7.19 11.68 -9.45
CA ASP B 348 -7.84 12.80 -10.15
C ASP B 348 -6.99 13.25 -11.34
N HIS B 349 -6.53 12.29 -12.15
CA HIS B 349 -5.67 12.56 -13.30
C HIS B 349 -4.40 13.32 -12.95
N TYR B 350 -3.71 12.87 -11.89
CA TYR B 350 -2.45 13.49 -11.43
C TYR B 350 -2.60 14.96 -11.03
N LYS B 351 -3.76 15.33 -10.48
CA LYS B 351 -4.04 16.71 -10.07
C LYS B 351 -2.99 17.24 -9.06
N LYS B 352 -2.77 16.51 -7.96
CA LYS B 352 -1.82 16.93 -6.94
C LYS B 352 -0.38 16.91 -7.44
N TYR B 353 -0.05 15.94 -8.31
CA TYR B 353 1.30 15.87 -8.90
C TYR B 353 1.59 17.13 -9.73
N LEU B 354 0.64 17.53 -10.60
CA LEU B 354 0.86 18.69 -11.45
C LEU B 354 0.98 19.96 -10.58
N ALA B 355 0.15 20.09 -9.55
CA ALA B 355 0.24 21.19 -8.59
C ALA B 355 1.62 21.26 -7.92
N LYS B 356 2.19 20.10 -7.52
CA LYS B 356 3.50 20.05 -6.86
C LYS B 356 4.62 20.43 -7.82
N LEU B 357 4.58 19.86 -9.03
CA LEU B 357 5.59 20.11 -10.06
C LEU B 357 5.74 21.62 -10.36
N ARG B 358 4.61 22.33 -10.52
CA ARG B 358 4.63 23.78 -10.75
C ARG B 358 5.10 24.56 -9.51
N SER B 359 4.70 24.14 -8.30
CA SER B 359 5.08 24.86 -7.08
C SER B 359 6.53 24.63 -6.56
N ILE B 360 7.25 23.60 -7.04
CA ILE B 360 8.61 23.34 -6.54
C ILE B 360 9.63 24.20 -7.29
N ASN B 361 10.77 24.43 -6.63
CA ASN B 361 11.87 25.16 -7.21
C ASN B 361 12.83 24.12 -7.82
N PRO B 362 13.46 24.44 -8.97
CA PRO B 362 14.40 23.49 -9.56
C PRO B 362 15.63 23.21 -8.68
N PRO B 363 16.32 22.08 -8.90
CA PRO B 363 16.09 21.08 -9.94
C PRO B 363 15.04 20.01 -9.59
N CYS B 364 14.54 19.35 -10.62
CA CYS B 364 13.55 18.28 -10.51
C CYS B 364 13.69 17.28 -11.65
N VAL B 365 13.06 16.11 -11.49
CA VAL B 365 12.94 15.11 -12.53
C VAL B 365 11.43 14.84 -12.61
N PRO B 366 10.73 15.42 -13.60
CA PRO B 366 9.29 15.13 -13.71
C PRO B 366 9.00 13.66 -13.97
N PHE B 367 7.77 13.24 -13.64
CA PHE B 367 7.31 11.89 -13.91
C PHE B 367 7.10 11.79 -15.42
N PHE B 368 7.85 10.90 -16.11
CA PHE B 368 7.78 10.81 -17.57
C PHE B 368 6.53 10.11 -18.08
N GLY B 369 6.06 9.11 -17.35
CA GLY B 369 4.89 8.33 -17.72
C GLY B 369 3.64 9.12 -18.09
N ILE B 370 3.35 10.22 -17.38
CA ILE B 370 2.14 10.99 -17.64
C ILE B 370 2.15 11.57 -19.06
N TYR B 371 3.33 11.98 -19.56
CA TYR B 371 3.46 12.51 -20.92
C TYR B 371 3.18 11.43 -21.95
N LEU B 372 3.71 10.22 -21.72
CA LEU B 372 3.48 9.11 -22.65
C LEU B 372 2.01 8.77 -22.72
N THR B 373 1.35 8.70 -21.55
CA THR B 373 -0.09 8.43 -21.45
C THR B 373 -0.89 9.49 -22.22
N ASN B 374 -0.62 10.79 -21.98
CA ASN B 374 -1.37 11.88 -22.62
C ASN B 374 -1.08 12.03 -24.12
N ILE B 375 0.12 11.67 -24.55
CA ILE B 375 0.46 11.70 -25.97
C ILE B 375 -0.26 10.52 -26.65
N LEU B 376 -0.28 9.33 -26.03
CA LEU B 376 -0.99 8.19 -26.61
C LEU B 376 -2.49 8.50 -26.72
N LYS B 377 -3.07 9.17 -25.71
CA LYS B 377 -4.47 9.55 -25.75
C LYS B 377 -4.74 10.55 -26.89
N THR B 378 -3.83 11.52 -27.10
CA THR B 378 -3.97 12.47 -28.20
C THR B 378 -3.81 11.77 -29.55
N GLU B 379 -2.86 10.83 -29.67
CA GLU B 379 -2.62 10.12 -30.91
C GLU B 379 -3.81 9.21 -31.27
N GLU B 380 -4.40 8.54 -30.28
CA GLU B 380 -5.53 7.64 -30.52
C GLU B 380 -6.89 8.35 -30.64
N GLY B 381 -7.06 9.50 -29.99
CA GLY B 381 -8.32 10.23 -29.96
C GLY B 381 -8.54 11.27 -31.04
N ASN B 382 -7.54 11.47 -31.90
CA ASN B 382 -7.60 12.46 -32.96
C ASN B 382 -7.26 11.79 -34.28
N PRO B 383 -7.94 12.13 -35.39
CA PRO B 383 -7.64 11.45 -36.65
C PRO B 383 -6.35 11.96 -37.30
N GLU B 384 -5.69 11.09 -38.04
CA GLU B 384 -4.45 11.43 -38.75
C GLU B 384 -4.73 12.46 -39.86
N VAL B 385 -5.89 12.35 -40.52
CA VAL B 385 -6.28 13.27 -41.59
C VAL B 385 -7.71 13.78 -41.40
N LEU B 386 -8.01 14.93 -42.02
CA LEU B 386 -9.33 15.54 -42.07
C LEU B 386 -9.74 15.52 -43.54
N LYS B 387 -10.98 15.13 -43.84
CA LYS B 387 -11.47 15.08 -45.21
C LYS B 387 -12.34 16.29 -45.54
N ARG B 388 -12.11 16.90 -46.71
CA ARG B 388 -12.87 18.05 -47.21
C ARG B 388 -13.08 17.86 -48.69
N HIS B 389 -14.33 17.77 -49.13
CA HIS B 389 -14.69 17.59 -50.54
C HIS B 389 -13.97 16.37 -51.17
N GLY B 390 -13.85 15.29 -50.41
CA GLY B 390 -13.20 14.06 -50.86
C GLY B 390 -11.68 14.03 -50.78
N LYS B 391 -11.04 15.15 -50.39
CA LYS B 391 -9.58 15.21 -50.30
C LYS B 391 -9.13 15.02 -48.84
N GLU B 392 -7.98 14.35 -48.63
CA GLU B 392 -7.43 14.10 -47.29
C GLU B 392 -6.36 15.13 -46.97
N LEU B 393 -6.53 15.86 -45.87
CA LEU B 393 -5.61 16.87 -45.40
C LEU B 393 -4.96 16.40 -44.13
N ILE B 394 -3.66 16.64 -43.95
CA ILE B 394 -2.97 16.25 -42.72
C ILE B 394 -3.53 17.05 -41.56
N ASN B 395 -3.95 16.37 -40.50
CA ASN B 395 -4.51 17.02 -39.33
C ASN B 395 -3.33 17.59 -38.59
N PHE B 396 -3.02 18.87 -38.81
CA PHE B 396 -1.86 19.49 -38.20
C PHE B 396 -2.16 19.92 -36.76
N SER B 397 -3.40 20.31 -36.42
CA SER B 397 -3.75 20.63 -35.03
C SER B 397 -3.47 19.47 -34.07
N LYS B 398 -3.60 18.23 -34.57
CA LYS B 398 -3.27 17.04 -33.77
C LYS B 398 -1.77 17.06 -33.43
N ARG B 399 -0.93 17.33 -34.43
CA ARG B 399 0.52 17.42 -34.25
C ARG B 399 0.87 18.58 -33.33
N ARG B 400 0.18 19.70 -33.46
CA ARG B 400 0.43 20.86 -32.59
C ARG B 400 0.15 20.50 -31.12
N LYS B 401 -0.95 19.76 -30.86
CA LYS B 401 -1.28 19.35 -29.49
C LYS B 401 -0.20 18.42 -28.92
N VAL B 402 0.33 17.50 -29.72
CA VAL B 402 1.41 16.62 -29.27
C VAL B 402 2.67 17.46 -29.00
N ALA B 403 2.97 18.43 -29.88
CA ALA B 403 4.13 19.32 -29.72
C ALA B 403 4.02 20.16 -28.45
N GLU B 404 2.79 20.58 -28.08
CA GLU B 404 2.60 21.34 -26.86
C GLU B 404 2.91 20.47 -25.64
N ILE B 405 2.55 19.17 -25.67
CA ILE B 405 2.86 18.27 -24.57
C ILE B 405 4.36 18.04 -24.48
N THR B 406 5.03 17.78 -25.61
CA THR B 406 6.49 17.60 -25.60
C THR B 406 7.22 18.89 -25.17
N GLY B 407 6.61 20.06 -25.42
CA GLY B 407 7.14 21.34 -24.97
C GLY B 407 7.16 21.40 -23.45
N GLU B 408 6.15 20.81 -22.79
CA GLU B 408 6.10 20.74 -21.33
C GLU B 408 7.24 19.88 -20.79
N ILE B 409 7.68 18.87 -21.55
CA ILE B 409 8.81 18.01 -21.18
C ILE B 409 10.07 18.88 -21.17
N GLN B 410 10.27 19.65 -22.26
CA GLN B 410 11.46 20.48 -22.46
C GLN B 410 11.69 21.59 -21.43
N GLN B 411 10.65 22.20 -20.85
CA GLN B 411 10.85 23.27 -19.87
C GLN B 411 11.60 22.83 -18.60
N TYR B 412 11.70 21.50 -18.35
CA TYR B 412 12.41 20.95 -17.20
C TYR B 412 13.72 20.23 -17.54
N GLN B 413 14.14 20.23 -18.82
CA GLN B 413 15.35 19.52 -19.26
C GLN B 413 16.70 20.27 -19.06
N ASN B 414 16.72 21.44 -18.41
CA ASN B 414 17.97 22.18 -18.16
C ASN B 414 18.08 22.42 -16.64
N GLN B 415 17.97 21.34 -15.85
CA GLN B 415 17.98 21.40 -14.39
C GLN B 415 18.95 20.35 -13.81
N PRO B 416 20.27 20.59 -13.96
CA PRO B 416 21.24 19.64 -13.43
C PRO B 416 21.28 19.66 -11.90
N TYR B 417 21.63 18.53 -11.30
CA TYR B 417 21.73 18.41 -9.86
C TYR B 417 23.14 18.61 -9.37
N CYS B 418 23.29 19.37 -8.28
CA CYS B 418 24.58 19.53 -7.65
C CYS B 418 24.76 18.34 -6.73
N LEU B 419 25.07 17.21 -7.33
CA LEU B 419 25.29 15.94 -6.66
C LEU B 419 26.45 15.25 -7.34
N ARG B 420 27.36 14.67 -6.55
CA ARG B 420 28.51 13.98 -7.09
C ARG B 420 28.15 12.59 -7.58
N VAL B 421 28.58 12.26 -8.79
CA VAL B 421 28.41 10.93 -9.38
C VAL B 421 29.34 9.98 -8.65
N GLU B 422 28.86 8.77 -8.42
CA GLU B 422 29.65 7.68 -7.86
C GLU B 422 29.54 6.64 -8.96
N SER B 423 30.59 6.53 -9.78
CA SER B 423 30.60 5.65 -10.95
C SER B 423 30.19 4.20 -10.71
N ASP B 424 30.64 3.58 -9.60
CA ASP B 424 30.33 2.17 -9.34
C ASP B 424 28.84 1.97 -9.02
N ILE B 425 28.26 2.88 -8.23
CA ILE B 425 26.84 2.83 -7.88
C ILE B 425 26.02 3.16 -9.14
N LYS B 426 26.50 4.10 -9.97
CA LYS B 426 25.86 4.46 -11.25
C LYS B 426 25.80 3.20 -12.14
N ARG B 427 26.94 2.52 -12.34
CA ARG B 427 26.99 1.31 -13.16
C ARG B 427 26.12 0.19 -12.58
N PHE B 428 26.00 0.12 -11.25
CA PHE B 428 25.16 -0.88 -10.61
C PHE B 428 23.69 -0.71 -11.04
N PHE B 429 23.20 0.54 -11.06
CA PHE B 429 21.82 0.82 -11.44
C PHE B 429 21.59 0.83 -12.96
N GLU B 430 22.62 1.14 -13.74
CA GLU B 430 22.54 1.08 -15.20
C GLU B 430 22.43 -0.38 -15.66
N ASN B 431 23.09 -1.33 -14.95
CA ASN B 431 23.11 -2.74 -15.32
C ASN B 431 22.06 -3.59 -14.59
N LEU B 432 21.05 -2.98 -13.92
CA LEU B 432 20.02 -3.77 -13.24
C LEU B 432 19.28 -4.61 -14.25
N ASN B 433 19.16 -5.91 -14.00
CA ASN B 433 18.49 -6.82 -14.91
C ASN B 433 17.66 -7.82 -14.10
N PRO B 434 16.60 -7.35 -13.39
CA PRO B 434 15.81 -8.27 -12.54
C PRO B 434 15.16 -9.44 -13.26
N MET B 435 14.71 -9.23 -14.50
CA MET B 435 14.05 -10.27 -15.27
C MET B 435 15.02 -11.37 -15.71
N GLY B 436 16.26 -10.99 -15.99
CA GLY B 436 17.27 -11.94 -16.44
C GLY B 436 16.93 -12.39 -17.85
N ASN B 437 16.82 -13.71 -18.03
CA ASN B 437 16.45 -14.26 -19.33
C ASN B 437 14.92 -14.38 -19.51
N SER B 438 14.11 -14.06 -18.47
CA SER B 438 12.65 -14.13 -18.56
C SER B 438 12.06 -12.94 -19.31
N MET B 439 10.85 -13.12 -19.89
CA MET B 439 10.11 -12.02 -20.49
C MET B 439 9.41 -11.28 -19.33
N GLU B 440 8.95 -10.05 -19.54
CA GLU B 440 8.29 -9.27 -18.50
C GLU B 440 7.05 -9.97 -17.93
N LYS B 441 6.08 -10.36 -18.77
CA LYS B 441 4.86 -11.03 -18.30
C LYS B 441 5.16 -12.27 -17.46
N GLU B 442 6.08 -13.11 -17.92
CA GLU B 442 6.43 -14.34 -17.19
C GLU B 442 7.15 -14.02 -15.87
N PHE B 443 7.99 -12.97 -15.86
CA PHE B 443 8.67 -12.54 -14.63
C PHE B 443 7.66 -11.99 -13.62
N THR B 444 6.69 -11.18 -14.06
CA THR B 444 5.67 -10.64 -13.17
C THR B 444 4.76 -11.76 -12.66
N ASP B 445 4.48 -12.80 -13.48
CA ASP B 445 3.72 -13.97 -13.03
C ASP B 445 4.53 -14.69 -11.94
N TYR B 446 5.86 -14.78 -12.13
CA TYR B 446 6.75 -15.38 -11.14
C TYR B 446 6.68 -14.56 -9.83
N LEU B 447 6.75 -13.22 -9.90
CA LEU B 447 6.69 -12.36 -8.72
C LEU B 447 5.36 -12.55 -7.98
N PHE B 448 4.23 -12.67 -8.70
CA PHE B 448 2.93 -12.88 -8.07
C PHE B 448 2.83 -14.28 -7.44
N ASN B 449 3.35 -15.31 -8.13
CA ASN B 449 3.35 -16.66 -7.56
C ASN B 449 4.26 -16.71 -6.32
N LYS B 450 5.38 -15.97 -6.34
CA LYS B 450 6.31 -15.85 -5.22
C LYS B 450 5.62 -15.13 -4.04
N SER B 451 4.81 -14.11 -4.35
CA SER B 451 4.03 -13.39 -3.33
C SER B 451 3.03 -14.34 -2.64
N LEU B 452 2.34 -15.21 -3.40
CA LEU B 452 1.40 -16.19 -2.83
C LEU B 452 2.15 -17.23 -1.99
N GLU B 453 3.41 -17.53 -2.33
CA GLU B 453 4.24 -18.47 -1.56
C GLU B 453 4.61 -17.85 -0.18
N ILE B 454 5.16 -16.63 -0.15
CA ILE B 454 5.60 -15.98 1.10
C ILE B 454 4.44 -15.50 2.01
N GLU B 455 3.28 -15.11 1.44
CA GLU B 455 2.10 -14.71 2.22
C GLU B 455 0.87 -15.33 1.57
N PRO B 456 0.57 -16.61 1.87
CA PRO B 456 -0.59 -17.28 1.24
C PRO B 456 -1.94 -16.65 1.54
N ARG B 457 -2.95 -16.96 0.72
CA ARG B 457 -4.30 -16.42 0.92
C ARG B 457 -4.97 -16.90 2.22
N ASN B 458 -5.89 -16.05 2.74
CA ASN B 458 -6.65 -16.14 4.01
C ASN B 458 -6.71 -17.54 4.73
N PRO B 459 -7.28 -18.64 4.13
CA PRO B 459 -7.40 -19.89 4.90
C PRO B 459 -6.04 -20.51 5.24
N LYS B 460 -5.13 -20.59 4.24
CA LYS B 460 -3.80 -21.16 4.47
C LYS B 460 -3.03 -20.26 5.45
N PRO B 461 -2.43 -20.82 6.52
CA PRO B 461 -1.72 -19.97 7.48
C PRO B 461 -0.40 -19.41 6.95
N LEU B 462 0.16 -18.45 7.67
CA LEU B 462 1.41 -17.81 7.31
C LEU B 462 2.60 -18.67 7.75
N PRO B 463 3.34 -19.33 6.83
CA PRO B 463 4.52 -20.10 7.28
C PRO B 463 5.70 -19.20 7.60
N ARG B 464 6.64 -19.71 8.40
CA ARG B 464 7.86 -19.00 8.76
C ARG B 464 8.92 -19.40 7.76
N PHE B 465 9.77 -18.44 7.37
CA PHE B 465 10.84 -18.68 6.40
C PHE B 465 12.19 -18.26 6.98
N PRO B 466 13.28 -18.91 6.54
CA PRO B 466 14.61 -18.55 7.07
C PRO B 466 15.17 -17.21 6.58
N LYS B 467 16.08 -16.64 7.37
CA LYS B 467 16.73 -15.40 7.02
C LYS B 467 17.73 -15.61 5.90
N LYS B 468 17.90 -14.59 5.04
CA LYS B 468 18.85 -14.61 3.91
C LYS B 468 19.93 -13.54 4.02
N TYR B 469 19.80 -12.57 4.94
CA TYR B 469 20.77 -11.48 5.07
C TYR B 469 21.63 -11.74 6.29
N SER B 470 22.95 -11.83 6.08
CA SER B 470 23.92 -12.08 7.14
C SER B 470 24.57 -10.77 7.63
N TYR B 471 23.86 -9.63 7.50
CA TYR B 471 24.33 -8.29 7.90
C TYR B 471 23.19 -7.51 8.59
N PRO B 472 23.45 -6.40 9.31
CA PRO B 472 22.35 -5.71 10.02
C PRO B 472 21.34 -5.11 9.06
N LEU B 473 20.07 -5.17 9.45
CA LEU B 473 18.94 -4.66 8.69
C LEU B 473 18.57 -3.23 9.06
N LYS B 474 19.01 -2.73 10.25
CA LYS B 474 18.69 -1.37 10.67
C LYS B 474 19.19 -0.36 9.66
N SER B 475 18.32 0.56 9.27
CA SER B 475 18.68 1.59 8.31
C SER B 475 19.50 2.67 8.98
N PRO B 476 20.45 3.26 8.25
CA PRO B 476 21.17 4.42 8.79
C PRO B 476 20.33 5.72 8.74
N GLY B 477 19.11 5.67 8.19
CA GLY B 477 18.22 6.82 8.10
C GLY B 477 18.34 7.62 6.82
N VAL B 478 17.58 8.72 6.74
CA VAL B 478 17.55 9.62 5.57
C VAL B 478 18.15 11.00 5.85
N ARG B 479 18.66 11.27 7.07
CA ARG B 479 19.32 12.53 7.39
C ARG B 479 20.78 12.41 6.90
N PRO B 480 21.30 13.39 6.13
CA PRO B 480 22.69 13.30 5.65
C PRO B 480 23.73 13.71 6.69
#